data_6YXZ
#
_entry.id   6YXZ
#
_cell.length_a   56.566
_cell.length_b   126.750
_cell.length_c   152.710
_cell.angle_alpha   90.000
_cell.angle_beta   90.000
_cell.angle_gamma   90.000
#
_symmetry.space_group_name_H-M   'P 21 21 21'
#
loop_
_entity.id
_entity.type
_entity.pdbx_description
1 polymer Beta-N-acetylhexosaminidase
2 non-polymer GLYCEROL
3 non-polymer 'SODIUM ION'
4 non-polymer 'CHLORIDE ION'
5 non-polymer 'NICKEL (II) ION'
6 water water
#
_entity_poly.entity_id   1
_entity_poly.type   'polypeptide(L)'
_entity_poly.pdbx_seq_one_letter_code
;MQHNAEAAAAAESSTSTVSNLATMATVTASGREVSSGFGPELAADNQDLPDNPTDKSVHNASGASRWSADRGSGPWWLAY
EFPGEATISSVNIAWGNTYATNYSIQTSDDGSNWTDVKTGLKATAQAQWVKTTFDTPIKTRHIRMIATTKSQSWSLSVWE
MRTMGTISAVATDPLSRLTPRPLYAQSADGEAFELKKNTCVSVSDGSLLPAVDVMRDELGTSYGLKLAEGTNCPITFTLD
ENLDVTGHVGSAQSITADEAYTIVSDADSVTVKARSATAGIWAAQTLLQLIGPWTNSTVKLADVAFIPAVNIADAPRYQW
RGVLVDPARSFYPLDEMKQMIDVMSAYKMNTLHLHLSEDEGFRVEITNDGRADGDTTDYTQLAIKSGAISYQSAWTSNWS
PAQDGRTGYWTQSEFIELVAYAADHGIAIVPEIDGPGHSFSLLHGLAELNTGNSNPKPAAGEDTPAFIQSAQGRSSLATD
ADITYTVLGHIMDQLDGMIDKGIKASTMPASELKRMYFHLGGDELFLSGGAGNKTERLQEYLGRSGALVKERDKTTIVWN
DGLDAVDQIPEGSVVQHWTGNAANNASIQKLLNQRNGKIIMSPAGNTYFPQRPGTETTGVTWACGACTTSNFYQWNPTSS
AGTTEDKVLGVEDALWSEHLRSLNDAEFLMYTRMMATAEVGWTQQNRKDYDNWNKRVGDIAIDLMNRGANFHKATEVTSW
KGSYAAVDAAEQKVTDGKVLVGRYAEPGLTGTDGLSFTATYTAEGGTAVNLPVTPDMKQTYSQQQLKNGRLVVNGAHMNS
IVDVYVTLPSDVLAADSEAVGRLDVSVSSSTYPIPSDSSMSIAIKDGKVTQTWTGDERPTPDPDPEPEVTVVSIKASTSQ
SDVKVGDTFDPSKVKVVATKSDKTTAVLAAADYTIAVTDKDGNAIDVTKPFEAAGDLTVTVALKDDGSIKDSFTMTVTDK
GAVDPDPDPTPKPNPDPQKPSGDNKPQIKPEGGKPGDVVAETLEHHHHHH
;
_entity_poly.pdbx_strand_id   JJJ
#
loop_
_chem_comp.id
_chem_comp.type
_chem_comp.name
_chem_comp.formula
CL non-polymer 'CHLORIDE ION' 'Cl -1'
GOL non-polymer GLYCEROL 'C3 H8 O3'
NA non-polymer 'SODIUM ION' 'Na 1'
NI non-polymer 'NICKEL (II) ION' 'Ni 2'
#
# COMPACT_ATOMS: atom_id res chain seq x y z
N THR A 163 -36.35 18.19 16.69
CA THR A 163 -36.20 18.17 15.22
C THR A 163 -36.75 16.84 14.68
N MET A 164 -38.03 16.84 14.32
CA MET A 164 -38.78 15.67 13.77
C MET A 164 -38.75 15.75 12.24
N GLY A 165 -38.51 14.61 11.59
CA GLY A 165 -38.46 14.50 10.12
C GLY A 165 -37.47 13.42 9.72
N THR A 166 -36.87 13.54 8.52
CA THR A 166 -36.00 12.52 7.91
C THR A 166 -34.66 13.13 7.50
N ILE A 167 -33.67 12.27 7.25
CA ILE A 167 -32.30 12.68 6.80
C ILE A 167 -31.91 11.81 5.59
N SER A 168 -31.08 12.36 4.70
CA SER A 168 -30.58 11.69 3.48
C SER A 168 -29.06 11.86 3.41
N ALA A 169 -28.35 10.77 3.15
CA ALA A 169 -26.88 10.75 3.05
C ALA A 169 -26.42 11.75 1.99
N VAL A 170 -25.25 12.34 2.20
CA VAL A 170 -24.63 13.36 1.32
C VAL A 170 -23.15 13.01 1.19
N ALA A 171 -22.51 13.31 0.06
CA ALA A 171 -21.05 13.12 -0.11
C ALA A 171 -20.35 14.07 0.87
N THR A 172 -19.22 13.69 1.42
CA THR A 172 -18.45 14.55 2.36
C THR A 172 -17.90 15.72 1.55
N ASP A 173 -17.53 16.82 2.22
CA ASP A 173 -16.77 17.94 1.57
C ASP A 173 -15.48 17.38 0.99
N PRO A 174 -15.19 17.54 -0.32
CA PRO A 174 -13.94 17.01 -0.89
C PRO A 174 -12.65 17.35 -0.14
N LEU A 175 -12.45 18.60 0.29
CA LEU A 175 -11.18 18.98 0.97
C LEU A 175 -11.06 18.26 2.31
N SER A 176 -12.19 17.95 2.96
CA SER A 176 -12.24 17.32 4.31
C SER A 176 -11.78 15.86 4.24
N ARG A 177 -11.70 15.27 3.05
CA ARG A 177 -11.43 13.82 2.88
C ARG A 177 -9.94 13.50 2.92
N LEU A 178 -9.09 14.47 2.62
CA LEU A 178 -7.72 14.25 2.11
C LEU A 178 -6.84 13.57 3.19
N THR A 179 -6.26 12.43 2.84
CA THR A 179 -5.35 11.65 3.72
C THR A 179 -4.18 11.23 2.87
N PRO A 180 -2.92 11.59 3.19
CA PRO A 180 -2.57 12.45 4.32
C PRO A 180 -3.18 13.85 4.20
N ARG A 181 -3.39 14.49 5.35
CA ARG A 181 -3.79 15.92 5.37
C ARG A 181 -2.66 16.74 4.80
N PRO A 182 -2.91 17.55 3.75
CA PRO A 182 -1.89 18.37 3.13
C PRO A 182 -1.43 19.54 4.01
N LEU A 183 -0.28 20.08 3.62
CA LEU A 183 0.34 21.27 4.26
C LEU A 183 -0.65 22.44 4.22
N TYR A 184 -1.22 22.71 3.05
CA TYR A 184 -2.15 23.83 2.79
C TYR A 184 -3.23 23.39 1.81
N ALA A 185 -4.50 23.60 2.16
CA ALA A 185 -5.66 23.17 1.35
C ALA A 185 -6.87 24.05 1.68
N GLN A 186 -7.30 24.86 0.72
CA GLN A 186 -8.42 25.81 0.89
C GLN A 186 -9.33 25.74 -0.33
N SER A 187 -10.64 25.88 -0.13
CA SER A 187 -11.64 26.02 -1.20
C SER A 187 -11.30 27.29 -1.98
N ALA A 188 -11.45 27.27 -3.30
CA ALA A 188 -11.31 28.44 -4.19
C ALA A 188 -12.71 28.77 -4.71
N ASP A 189 -12.85 29.97 -5.27
CA ASP A 189 -14.16 30.52 -5.72
C ASP A 189 -14.70 29.70 -6.88
N GLY A 190 -16.03 29.52 -6.88
CA GLY A 190 -16.80 29.17 -8.09
C GLY A 190 -17.11 27.71 -8.17
N GLU A 191 -17.58 27.29 -9.33
CA GLU A 191 -18.13 25.94 -9.56
C GLU A 191 -16.98 24.95 -9.75
N ALA A 192 -17.26 23.67 -9.56
CA ALA A 192 -16.32 22.54 -9.73
C ALA A 192 -15.97 22.38 -11.22
N PHE A 193 -14.83 21.78 -11.53
CA PHE A 193 -14.45 21.38 -12.92
C PHE A 193 -15.15 20.06 -13.25
N GLU A 194 -15.89 20.01 -14.35
CA GLU A 194 -16.63 18.80 -14.79
C GLU A 194 -15.74 17.98 -15.73
N LEU A 195 -15.35 16.77 -15.32
CA LEU A 195 -14.61 15.83 -16.21
C LEU A 195 -15.56 15.27 -17.28
N LYS A 196 -15.16 15.35 -18.54
CA LYS A 196 -15.93 14.83 -19.71
C LYS A 196 -15.14 13.67 -20.34
N LYS A 197 -15.84 12.75 -20.98
CA LYS A 197 -15.22 11.58 -21.67
C LYS A 197 -13.94 12.03 -22.38
N ASN A 198 -13.94 13.18 -23.06
CA ASN A 198 -12.79 13.62 -23.91
C ASN A 198 -11.97 14.75 -23.27
N THR A 199 -12.16 15.06 -21.99
CA THR A 199 -11.20 15.98 -21.30
C THR A 199 -9.78 15.41 -21.49
N CYS A 200 -8.88 16.22 -22.04
CA CYS A 200 -7.46 15.83 -22.26
C CYS A 200 -6.59 16.43 -21.14
N VAL A 201 -5.36 15.95 -21.02
CA VAL A 201 -4.35 16.40 -20.04
C VAL A 201 -3.07 16.76 -20.80
N SER A 202 -2.51 17.94 -20.51
CA SER A 202 -1.22 18.41 -21.07
C SER A 202 -0.15 18.21 -20.00
N VAL A 203 1.00 17.66 -20.38
CA VAL A 203 2.17 17.50 -19.47
C VAL A 203 3.35 18.27 -20.07
N SER A 204 4.16 18.89 -19.22
CA SER A 204 5.35 19.66 -19.63
C SER A 204 6.48 18.68 -19.90
N ASP A 205 6.37 17.45 -19.42
CA ASP A 205 7.50 16.49 -19.47
C ASP A 205 6.94 15.07 -19.45
N GLY A 206 7.55 14.16 -20.20
CA GLY A 206 7.04 12.78 -20.35
C GLY A 206 7.03 12.03 -19.02
N SER A 207 7.89 12.42 -18.07
CA SER A 207 7.97 11.77 -16.74
C SER A 207 6.71 12.04 -15.92
N LEU A 208 5.81 12.93 -16.36
CA LEU A 208 4.49 13.13 -15.71
C LEU A 208 3.39 12.23 -16.29
N LEU A 209 3.64 11.48 -17.36
CA LEU A 209 2.59 10.58 -17.89
C LEU A 209 2.23 9.48 -16.90
N PRO A 210 3.15 8.92 -16.08
CA PRO A 210 2.73 7.99 -15.04
C PRO A 210 1.64 8.56 -14.10
N ALA A 211 1.71 9.83 -13.73
CA ALA A 211 0.67 10.45 -12.87
C ALA A 211 -0.69 10.40 -13.58
N VAL A 212 -0.70 10.71 -14.87
CA VAL A 212 -1.94 10.75 -15.70
C VAL A 212 -2.42 9.30 -15.85
N ASP A 213 -1.51 8.37 -16.01
CA ASP A 213 -1.86 6.92 -16.11
C ASP A 213 -2.61 6.48 -14.84
N VAL A 214 -2.15 6.89 -13.64
CA VAL A 214 -2.81 6.49 -12.38
C VAL A 214 -4.27 7.01 -12.42
N MET A 215 -4.46 8.24 -12.87
CA MET A 215 -5.82 8.83 -12.92
C MET A 215 -6.66 8.03 -13.95
N ARG A 216 -6.09 7.73 -15.11
CA ARG A 216 -6.79 7.00 -16.20
C ARG A 216 -7.14 5.57 -15.75
N ASP A 217 -6.21 4.87 -15.10
CA ASP A 217 -6.44 3.49 -14.58
C ASP A 217 -7.70 3.45 -13.72
N GLU A 218 -7.96 4.46 -12.89
CA GLU A 218 -9.18 4.50 -12.05
C GLU A 218 -10.34 5.00 -12.92
N LEU A 219 -10.20 6.18 -13.50
CA LEU A 219 -11.35 6.97 -14.02
C LEU A 219 -11.85 6.43 -15.37
N GLY A 220 -10.99 5.73 -16.10
CA GLY A 220 -11.38 5.10 -17.37
C GLY A 220 -12.54 4.14 -17.14
N THR A 221 -12.48 3.37 -16.07
CA THR A 221 -13.51 2.38 -15.68
C THR A 221 -14.66 3.06 -14.94
N SER A 222 -14.37 3.86 -13.89
CA SER A 222 -15.42 4.37 -12.98
C SER A 222 -16.29 5.40 -13.72
N TYR A 223 -15.72 6.22 -14.62
CA TYR A 223 -16.46 7.37 -15.24
C TYR A 223 -16.33 7.39 -16.76
N GLY A 224 -15.71 6.35 -17.36
CA GLY A 224 -15.54 6.26 -18.82
C GLY A 224 -14.65 7.36 -19.41
N LEU A 225 -13.66 7.87 -18.66
CA LEU A 225 -12.80 8.98 -19.16
C LEU A 225 -11.60 8.40 -19.94
N LYS A 226 -11.31 8.95 -21.11
CA LYS A 226 -10.12 8.65 -21.94
C LYS A 226 -8.92 9.32 -21.28
N LEU A 227 -9.14 10.54 -20.78
CA LEU A 227 -8.06 11.36 -20.19
C LEU A 227 -6.80 11.23 -21.05
N ALA A 228 -6.93 11.49 -22.35
CA ALA A 228 -5.84 11.34 -23.33
C ALA A 228 -4.90 12.55 -23.17
N GLU A 229 -3.64 12.34 -23.49
CA GLU A 229 -2.66 13.43 -23.62
C GLU A 229 -3.07 14.29 -24.82
N GLY A 230 -3.08 15.60 -24.64
CA GLY A 230 -3.32 16.59 -25.71
C GLY A 230 -2.49 17.85 -25.51
N THR A 231 -2.69 18.80 -26.41
CA THR A 231 -2.07 20.14 -26.46
C THR A 231 -3.04 21.17 -25.89
N ASN A 232 -2.56 22.03 -24.99
CA ASN A 232 -3.40 23.16 -24.52
C ASN A 232 -4.71 22.62 -23.91
N CYS A 233 -4.61 21.56 -23.10
CA CYS A 233 -5.74 20.97 -22.36
C CYS A 233 -6.12 21.81 -21.13
N PRO A 234 -7.35 21.63 -20.61
CA PRO A 234 -7.79 22.33 -19.40
C PRO A 234 -7.16 21.81 -18.09
N ILE A 235 -6.66 20.58 -18.13
CA ILE A 235 -5.89 19.92 -17.03
C ILE A 235 -4.42 19.92 -17.46
N THR A 236 -3.53 20.44 -16.61
CA THR A 236 -2.08 20.58 -16.92
C THR A 236 -1.26 20.09 -15.73
N PHE A 237 -0.19 19.35 -16.02
CA PHE A 237 0.86 18.91 -15.06
C PHE A 237 2.16 19.53 -15.58
N THR A 238 2.77 20.39 -14.79
CA THR A 238 4.04 21.07 -15.15
C THR A 238 5.07 20.68 -14.10
N LEU A 239 6.23 20.20 -14.57
CA LEU A 239 7.43 19.93 -13.76
C LEU A 239 8.12 21.28 -13.48
N ASP A 240 8.32 21.60 -12.21
CA ASP A 240 9.02 22.82 -11.77
C ASP A 240 9.98 22.44 -10.64
N GLU A 241 11.27 22.23 -10.96
CA GLU A 241 12.29 21.76 -9.97
C GLU A 241 12.57 22.83 -8.91
N ASN A 242 12.06 24.05 -9.12
CA ASN A 242 12.24 25.17 -8.14
C ASN A 242 10.93 25.48 -7.44
N LEU A 243 9.90 24.63 -7.59
CA LEU A 243 8.56 24.90 -7.01
C LEU A 243 8.74 25.20 -5.52
N ASP A 244 8.20 26.35 -5.09
CA ASP A 244 8.41 26.89 -3.73
C ASP A 244 7.08 26.90 -2.97
N VAL A 245 6.93 26.01 -1.98
CA VAL A 245 5.72 25.94 -1.10
C VAL A 245 6.11 26.45 0.28
N THR A 246 7.29 27.04 0.45
CA THR A 246 7.85 27.43 1.78
C THR A 246 7.00 28.56 2.39
N GLY A 247 6.24 29.30 1.59
CA GLY A 247 5.32 30.32 2.12
C GLY A 247 4.27 29.68 3.03
N HIS A 248 3.99 28.38 2.86
CA HIS A 248 3.00 27.62 3.68
C HIS A 248 3.69 26.80 4.79
N VAL A 249 5.01 26.93 4.95
CA VAL A 249 5.78 26.18 6.00
C VAL A 249 6.07 27.16 7.14
N GLY A 250 5.39 26.99 8.28
CA GLY A 250 5.51 27.87 9.46
C GLY A 250 6.77 27.56 10.27
N SER A 251 6.96 28.30 11.35
CA SER A 251 8.16 28.19 12.23
C SER A 251 8.24 26.81 12.88
N ALA A 252 7.11 26.15 13.08
CA ALA A 252 6.98 24.86 13.79
C ALA A 252 6.83 23.69 12.79
N GLN A 253 7.15 23.90 11.51
CA GLN A 253 6.91 22.92 10.41
C GLN A 253 8.20 22.61 9.65
N SER A 254 8.18 21.54 8.87
CA SER A 254 9.37 21.00 8.20
C SER A 254 8.89 20.09 7.09
N ILE A 255 9.41 20.32 5.89
CA ILE A 255 9.05 19.54 4.68
C ILE A 255 10.32 19.09 3.99
N THR A 256 10.21 18.02 3.20
CA THR A 256 11.20 17.61 2.19
C THR A 256 10.59 18.00 0.84
N ALA A 257 11.18 19.00 0.20
CA ALA A 257 10.62 19.78 -0.92
C ALA A 257 10.59 18.96 -2.21
N ASP A 258 11.43 17.94 -2.38
CA ASP A 258 11.51 17.17 -3.66
C ASP A 258 10.14 16.61 -4.04
N GLU A 259 9.27 16.36 -3.06
CA GLU A 259 7.93 15.72 -3.27
C GLU A 259 6.83 16.78 -3.25
N ALA A 260 7.18 18.09 -3.32
CA ALA A 260 6.19 19.20 -3.25
C ALA A 260 5.34 19.27 -4.54
N TYR A 261 4.06 19.58 -4.39
CA TYR A 261 3.18 19.92 -5.54
C TYR A 261 2.19 21.00 -5.10
N THR A 262 1.59 21.67 -6.09
CA THR A 262 0.47 22.61 -5.89
C THR A 262 -0.67 22.23 -6.86
N ILE A 263 -1.90 22.39 -6.40
CA ILE A 263 -3.11 22.28 -7.28
C ILE A 263 -3.88 23.59 -7.16
N VAL A 264 -4.11 24.26 -8.28
CA VAL A 264 -4.99 25.45 -8.39
C VAL A 264 -6.04 25.11 -9.43
N SER A 265 -7.30 25.05 -9.04
CA SER A 265 -8.41 24.59 -9.91
C SER A 265 -9.60 25.54 -9.79
N ASP A 266 -10.41 25.56 -10.84
CA ASP A 266 -11.65 26.37 -10.93
C ASP A 266 -12.52 25.66 -11.96
N ALA A 267 -13.65 26.24 -12.36
CA ALA A 267 -14.64 25.59 -13.25
C ALA A 267 -14.03 25.29 -14.63
N ASP A 268 -13.00 26.01 -15.04
CA ASP A 268 -12.46 25.93 -16.43
C ASP A 268 -11.12 25.21 -16.49
N SER A 269 -10.44 24.97 -15.37
CA SER A 269 -9.02 24.55 -15.45
C SER A 269 -8.57 23.86 -14.16
N VAL A 270 -7.64 22.93 -14.30
CA VAL A 270 -6.99 22.22 -13.16
C VAL A 270 -5.50 22.28 -13.45
N THR A 271 -4.79 23.07 -12.64
CA THR A 271 -3.36 23.39 -12.85
C THR A 271 -2.54 22.73 -11.73
N VAL A 272 -1.73 21.77 -12.12
CA VAL A 272 -0.81 21.02 -11.20
C VAL A 272 0.62 21.45 -11.52
N LYS A 273 1.37 21.83 -10.49
CA LYS A 273 2.84 22.01 -10.56
C LYS A 273 3.43 20.96 -9.62
N ALA A 274 4.54 20.35 -10.02
CA ALA A 274 5.15 19.23 -9.27
C ALA A 274 6.66 19.42 -9.29
N ARG A 275 7.29 19.30 -8.13
CA ARG A 275 8.74 19.52 -8.01
C ARG A 275 9.49 18.35 -8.63
N SER A 276 8.82 17.22 -8.80
CA SER A 276 9.40 15.95 -9.27
C SER A 276 8.31 15.14 -9.98
N ALA A 277 8.70 14.11 -10.74
CA ALA A 277 7.75 13.16 -11.35
C ALA A 277 6.96 12.44 -10.26
N THR A 278 7.62 12.06 -9.18
CA THR A 278 6.99 11.46 -7.98
C THR A 278 5.87 12.39 -7.47
N ALA A 279 6.19 13.67 -7.27
CA ALA A 279 5.22 14.68 -6.77
C ALA A 279 4.01 14.76 -7.70
N GLY A 280 4.21 14.56 -9.01
CA GLY A 280 3.12 14.48 -10.00
C GLY A 280 2.15 13.38 -9.64
N ILE A 281 2.66 12.23 -9.23
CA ILE A 281 1.83 11.09 -8.80
C ILE A 281 1.08 11.51 -7.54
N TRP A 282 1.76 12.20 -6.61
CA TRP A 282 1.09 12.62 -5.36
C TRP A 282 -0.07 13.57 -5.71
N ALA A 283 0.13 14.48 -6.66
CA ALA A 283 -0.92 15.45 -7.07
C ALA A 283 -2.10 14.66 -7.65
N ALA A 284 -1.81 13.69 -8.51
CA ALA A 284 -2.81 12.76 -9.07
C ALA A 284 -3.60 12.05 -7.96
N GLN A 285 -2.93 11.54 -6.92
CA GLN A 285 -3.61 10.80 -5.83
C GLN A 285 -4.54 11.78 -5.09
N THR A 286 -4.06 13.00 -4.82
CA THR A 286 -4.89 14.03 -4.14
C THR A 286 -6.13 14.31 -5.02
N LEU A 287 -5.92 14.52 -6.30
CA LEU A 287 -7.06 14.78 -7.25
C LEU A 287 -8.08 13.64 -7.19
N LEU A 288 -7.63 12.38 -7.14
CA LEU A 288 -8.54 11.22 -7.08
C LEU A 288 -9.29 11.17 -5.74
N GLN A 289 -8.71 11.67 -4.63
CA GLN A 289 -9.45 11.73 -3.34
C GLN A 289 -10.48 12.86 -3.43
N LEU A 290 -10.16 13.97 -4.09
CA LEU A 290 -11.12 15.11 -4.25
C LEU A 290 -12.29 14.68 -5.13
N ILE A 291 -12.04 13.83 -6.14
CA ILE A 291 -13.12 13.34 -7.04
C ILE A 291 -14.06 12.47 -6.20
N GLY A 292 -13.50 11.62 -5.31
CA GLY A 292 -14.29 10.91 -4.29
C GLY A 292 -13.98 9.43 -4.21
N PRO A 293 -14.63 8.71 -3.25
CA PRO A 293 -14.25 7.35 -2.91
C PRO A 293 -14.82 6.24 -3.82
N TRP A 294 -15.37 6.61 -4.99
CA TRP A 294 -15.93 5.67 -5.98
C TRP A 294 -15.05 5.63 -7.25
N THR A 295 -13.91 6.30 -7.28
CA THR A 295 -13.06 6.37 -8.49
C THR A 295 -12.53 4.98 -8.85
N ASN A 296 -12.46 4.03 -7.91
CA ASN A 296 -11.99 2.63 -8.16
C ASN A 296 -13.18 1.70 -8.42
N SER A 297 -14.36 2.25 -8.72
CA SER A 297 -15.53 1.43 -9.12
C SER A 297 -15.10 0.54 -10.28
N THR A 298 -15.46 -0.73 -10.20
CA THR A 298 -15.18 -1.71 -11.30
C THR A 298 -16.25 -1.61 -12.40
N VAL A 299 -17.33 -0.86 -12.17
CA VAL A 299 -18.38 -0.58 -13.19
C VAL A 299 -18.50 0.93 -13.38
N LYS A 300 -18.85 1.37 -14.59
CA LYS A 300 -19.05 2.81 -14.89
C LYS A 300 -20.22 3.35 -14.06
N LEU A 301 -20.00 4.48 -13.38
CA LEU A 301 -21.05 5.12 -12.54
C LEU A 301 -21.94 6.01 -13.43
N ALA A 302 -23.18 6.23 -13.00
CA ALA A 302 -24.14 7.12 -13.69
C ALA A 302 -23.72 8.58 -13.53
N ASP A 303 -23.28 9.01 -12.34
CA ASP A 303 -22.90 10.43 -12.09
C ASP A 303 -21.69 10.80 -12.96
N VAL A 304 -21.46 12.10 -13.16
CA VAL A 304 -20.19 12.62 -13.74
C VAL A 304 -19.22 12.90 -12.59
N ALA A 305 -17.94 12.93 -12.91
CA ALA A 305 -16.86 13.25 -11.96
C ALA A 305 -16.58 14.75 -11.97
N PHE A 306 -16.37 15.32 -10.80
CA PHE A 306 -15.99 16.74 -10.58
C PHE A 306 -14.70 16.85 -9.77
N ILE A 307 -13.84 17.76 -10.21
CA ILE A 307 -12.68 18.26 -9.41
C ILE A 307 -13.11 19.61 -8.86
N PRO A 308 -13.27 19.70 -7.52
CA PRO A 308 -13.70 20.95 -6.91
C PRO A 308 -12.64 22.05 -7.09
N ALA A 309 -13.09 23.30 -7.00
CA ALA A 309 -12.25 24.51 -7.14
C ALA A 309 -11.41 24.61 -5.87
N VAL A 310 -10.10 24.37 -5.98
CA VAL A 310 -9.23 24.32 -4.76
C VAL A 310 -7.94 25.09 -4.98
N ASN A 311 -7.30 25.40 -3.85
CA ASN A 311 -5.91 25.89 -3.79
C ASN A 311 -5.17 25.02 -2.76
N ILE A 312 -4.25 24.19 -3.22
CA ILE A 312 -3.53 23.18 -2.41
C ILE A 312 -2.04 23.41 -2.66
N ALA A 313 -1.26 23.45 -1.59
CA ALA A 313 0.20 23.48 -1.67
C ALA A 313 0.63 22.41 -0.67
N ASP A 314 1.43 21.46 -1.12
CA ASP A 314 1.61 20.24 -0.31
C ASP A 314 3.03 19.72 -0.51
N ALA A 315 3.50 19.04 0.53
CA ALA A 315 4.84 18.41 0.59
C ALA A 315 4.91 17.62 1.88
N PRO A 316 5.69 16.52 1.89
CA PRO A 316 5.75 15.66 3.06
C PRO A 316 6.70 16.23 4.13
N ARG A 317 6.39 15.90 5.39
CA ARG A 317 7.33 16.11 6.51
C ARG A 317 8.58 15.24 6.27
N TYR A 318 8.38 13.94 6.06
CA TYR A 318 9.50 12.97 5.98
C TYR A 318 9.65 12.47 4.54
N GLN A 319 10.90 12.25 4.13
CA GLN A 319 11.25 11.83 2.76
C GLN A 319 11.04 10.32 2.60
N TRP A 320 10.96 9.58 3.70
CA TRP A 320 10.94 8.09 3.70
C TRP A 320 9.63 7.64 4.36
N ARG A 321 8.74 7.11 3.54
CA ARG A 321 7.39 6.69 3.97
C ARG A 321 7.12 5.30 3.38
N GLY A 322 7.33 4.28 4.19
CA GLY A 322 7.56 2.92 3.66
C GLY A 322 6.72 1.86 4.29
N VAL A 323 6.70 0.72 3.61
CA VAL A 323 6.16 -0.55 4.16
C VAL A 323 7.21 -1.63 3.88
N LEU A 324 7.58 -2.35 4.92
CA LEU A 324 8.34 -3.60 4.79
C LEU A 324 7.35 -4.71 4.47
N VAL A 325 7.61 -5.48 3.41
CA VAL A 325 6.88 -6.75 3.16
C VAL A 325 7.87 -7.89 3.29
N ASP A 326 7.48 -8.89 4.06
CA ASP A 326 8.25 -10.14 4.29
C ASP A 326 7.65 -11.27 3.44
N PRO A 327 8.10 -11.47 2.18
CA PRO A 327 7.70 -12.67 1.43
C PRO A 327 8.54 -13.91 1.81
N ALA A 328 9.57 -13.71 2.61
CA ALA A 328 10.55 -14.79 2.94
C ALA A 328 9.88 -15.86 3.81
N ARG A 329 9.04 -15.45 4.77
CA ARG A 329 8.33 -16.40 5.64
C ARG A 329 7.25 -17.11 4.81
N SER A 330 6.62 -16.37 3.90
CA SER A 330 5.48 -16.85 3.08
C SER A 330 5.39 -15.97 1.84
N PHE A 331 5.61 -16.57 0.68
CA PHE A 331 5.73 -15.85 -0.60
C PHE A 331 4.43 -15.06 -0.89
N TYR A 332 4.58 -13.94 -1.58
CA TYR A 332 3.46 -13.20 -2.22
C TYR A 332 3.69 -13.14 -3.73
N PRO A 333 2.77 -13.71 -4.54
CA PRO A 333 2.86 -13.55 -5.98
C PRO A 333 2.89 -12.07 -6.41
N LEU A 334 3.53 -11.84 -7.55
CA LEU A 334 3.67 -10.51 -8.17
C LEU A 334 2.34 -9.77 -8.16
N ASP A 335 1.26 -10.40 -8.59
N ASP A 335 1.25 -10.41 -8.59
CA ASP A 335 -0.04 -9.68 -8.72
CA ASP A 335 -0.07 -9.74 -8.71
C ASP A 335 -0.51 -9.18 -7.35
C ASP A 335 -0.51 -9.17 -7.34
N GLU A 336 -0.23 -9.90 -6.26
CA GLU A 336 -0.60 -9.48 -4.89
C GLU A 336 0.26 -8.27 -4.50
N MET A 337 1.55 -8.30 -4.83
CA MET A 337 2.46 -7.18 -4.56
C MET A 337 1.93 -5.94 -5.28
N LYS A 338 1.44 -6.07 -6.51
CA LYS A 338 0.89 -4.91 -7.26
C LYS A 338 -0.32 -4.30 -6.52
N GLN A 339 -1.19 -5.14 -5.96
CA GLN A 339 -2.37 -4.73 -5.15
C GLN A 339 -1.91 -3.94 -3.90
N MET A 340 -0.83 -4.35 -3.26
CA MET A 340 -0.25 -3.58 -2.13
C MET A 340 0.26 -2.22 -2.63
N ILE A 341 1.05 -2.22 -3.70
CA ILE A 341 1.63 -1.00 -4.30
C ILE A 341 0.50 0.00 -4.59
N ASP A 342 -0.64 -0.44 -5.11
CA ASP A 342 -1.74 0.48 -5.51
C ASP A 342 -2.18 1.29 -4.27
N VAL A 343 -2.42 0.62 -3.15
CA VAL A 343 -2.92 1.29 -1.92
C VAL A 343 -1.80 2.11 -1.27
N MET A 344 -0.56 1.61 -1.27
CA MET A 344 0.57 2.41 -0.73
C MET A 344 0.64 3.75 -1.48
N SER A 345 0.58 3.73 -2.81
CA SER A 345 0.69 4.90 -3.70
C SER A 345 -0.49 5.84 -3.40
N ALA A 346 -1.67 5.26 -3.15
CA ALA A 346 -2.93 5.98 -2.87
C ALA A 346 -2.76 6.90 -1.65
N TYR A 347 -1.89 6.50 -0.71
CA TYR A 347 -1.63 7.24 0.55
C TYR A 347 -0.22 7.85 0.56
N LYS A 348 0.39 7.97 -0.61
CA LYS A 348 1.67 8.68 -0.89
C LYS A 348 2.82 8.01 -0.12
N MET A 349 2.73 6.71 0.17
CA MET A 349 3.91 5.93 0.63
C MET A 349 4.85 5.83 -0.58
N ASN A 350 6.17 5.96 -0.38
CA ASN A 350 7.14 6.07 -1.49
C ASN A 350 8.24 4.98 -1.43
N THR A 351 8.13 4.03 -0.51
CA THR A 351 9.18 3.02 -0.25
C THR A 351 8.59 1.64 0.02
N LEU A 352 9.05 0.63 -0.73
CA LEU A 352 8.68 -0.78 -0.50
C LEU A 352 9.96 -1.54 -0.16
N HIS A 353 10.08 -1.91 1.10
CA HIS A 353 11.26 -2.57 1.70
C HIS A 353 10.98 -4.08 1.62
N LEU A 354 11.77 -4.81 0.84
CA LEU A 354 11.52 -6.25 0.62
C LEU A 354 12.50 -7.02 1.49
N HIS A 355 12.00 -7.73 2.49
CA HIS A 355 12.73 -8.66 3.37
C HIS A 355 12.85 -9.97 2.57
N LEU A 356 13.83 -10.03 1.68
CA LEU A 356 13.90 -11.06 0.60
C LEU A 356 14.36 -12.42 1.12
N SER A 357 15.05 -12.44 2.25
CA SER A 357 15.76 -13.64 2.76
C SER A 357 15.52 -13.78 4.27
N GLU A 358 15.30 -15.00 4.71
CA GLU A 358 15.13 -15.32 6.14
C GLU A 358 15.63 -16.73 6.42
N ASP A 359 15.37 -17.18 7.64
CA ASP A 359 15.61 -18.60 8.03
C ASP A 359 14.75 -19.52 7.16
N GLU A 360 13.59 -19.04 6.66
CA GLU A 360 12.53 -19.91 6.12
C GLU A 360 12.33 -19.67 4.63
N GLY A 361 13.15 -18.89 3.97
CA GLY A 361 12.94 -18.72 2.52
C GLY A 361 13.81 -17.66 1.87
N PHE A 362 13.99 -17.81 0.55
CA PHE A 362 14.70 -16.85 -0.32
C PHE A 362 13.84 -16.60 -1.55
N ARG A 363 13.48 -15.34 -1.86
CA ARG A 363 12.30 -15.11 -2.73
C ARG A 363 12.59 -14.38 -4.05
N VAL A 364 13.81 -14.31 -4.51
CA VAL A 364 14.17 -13.75 -5.84
C VAL A 364 15.23 -14.63 -6.51
N GLU A 365 15.08 -14.80 -7.81
CA GLU A 365 16.03 -15.59 -8.65
C GLU A 365 17.36 -14.83 -8.77
N ILE A 366 18.47 -15.51 -8.42
CA ILE A 366 19.85 -15.01 -8.67
C ILE A 366 20.49 -15.94 -9.70
N THR A 367 21.01 -15.38 -10.79
CA THR A 367 21.65 -16.16 -11.88
C THR A 367 23.17 -16.09 -11.78
N ASN A 368 23.85 -16.79 -12.71
CA ASN A 368 25.32 -16.88 -12.79
C ASN A 368 25.87 -15.82 -13.75
N ASP A 369 25.05 -14.88 -14.23
CA ASP A 369 25.51 -13.81 -15.15
C ASP A 369 26.27 -12.76 -14.32
N GLY A 370 27.39 -12.26 -14.83
CA GLY A 370 28.13 -11.11 -14.28
C GLY A 370 28.83 -11.35 -12.95
N ARG A 371 29.17 -12.60 -12.61
CA ARG A 371 29.93 -12.87 -11.36
C ARG A 371 31.35 -12.29 -11.49
N ALA A 372 32.00 -12.06 -10.35
CA ALA A 372 33.40 -11.57 -10.30
C ALA A 372 34.29 -12.65 -10.93
N ASP A 373 35.43 -12.25 -11.46
CA ASP A 373 36.48 -13.18 -11.94
C ASP A 373 36.75 -14.24 -10.86
N GLY A 374 36.77 -15.52 -11.23
CA GLY A 374 37.10 -16.62 -10.31
C GLY A 374 35.92 -17.09 -9.47
N ASP A 375 34.76 -16.43 -9.52
CA ASP A 375 33.62 -16.85 -8.67
C ASP A 375 32.90 -17.95 -9.43
N THR A 376 32.97 -19.18 -8.96
CA THR A 376 32.32 -20.36 -9.60
C THR A 376 31.12 -20.81 -8.77
N THR A 377 30.62 -19.99 -7.85
CA THR A 377 29.39 -20.28 -7.07
C THR A 377 28.22 -20.46 -8.05
N ASP A 378 27.41 -21.51 -7.83
CA ASP A 378 26.18 -21.76 -8.62
C ASP A 378 25.02 -21.06 -7.89
N TYR A 379 24.83 -19.79 -8.21
CA TYR A 379 23.78 -18.95 -7.59
C TYR A 379 22.38 -19.45 -7.95
N THR A 380 22.18 -20.21 -9.05
CA THR A 380 20.83 -20.65 -9.46
C THR A 380 20.22 -21.50 -8.33
N GLN A 381 21.03 -22.09 -7.44
CA GLN A 381 20.51 -23.07 -6.44
C GLN A 381 19.81 -22.32 -5.30
N LEU A 382 20.12 -21.04 -5.15
CA LEU A 382 19.57 -20.25 -4.04
C LEU A 382 18.03 -20.21 -4.14
N ALA A 383 17.46 -19.75 -5.24
CA ALA A 383 15.98 -19.75 -5.45
C ALA A 383 15.47 -21.20 -5.63
N ILE A 384 16.20 -22.06 -6.35
CA ILE A 384 15.73 -23.45 -6.60
C ILE A 384 15.54 -24.17 -5.24
N LYS A 385 16.52 -24.09 -4.35
CA LYS A 385 16.46 -24.84 -3.07
C LYS A 385 15.65 -24.04 -2.05
N SER A 386 15.99 -22.76 -1.83
CA SER A 386 15.42 -22.00 -0.70
C SER A 386 14.13 -21.26 -1.09
N GLY A 387 13.79 -21.24 -2.38
CA GLY A 387 12.43 -20.86 -2.83
C GLY A 387 11.42 -21.92 -2.40
N ALA A 388 11.88 -23.17 -2.22
CA ALA A 388 11.03 -24.36 -2.04
C ALA A 388 10.78 -24.60 -0.55
N ILE A 389 11.30 -23.74 0.34
CA ILE A 389 11.02 -23.84 1.80
C ILE A 389 10.17 -22.63 2.21
N SER A 390 9.57 -22.69 3.39
CA SER A 390 8.69 -21.65 3.94
C SER A 390 8.47 -21.90 5.43
N TYR A 391 7.82 -20.95 6.10
CA TYR A 391 7.53 -21.04 7.54
C TYR A 391 6.71 -22.30 7.80
N GLN A 392 7.13 -23.12 8.78
CA GLN A 392 6.51 -24.43 9.10
C GLN A 392 5.51 -24.27 10.26
N SER A 393 4.24 -24.50 9.95
CA SER A 393 3.15 -24.57 10.95
C SER A 393 3.49 -25.59 12.03
N ALA A 394 4.03 -26.77 11.68
CA ALA A 394 4.25 -27.88 12.63
C ALA A 394 5.20 -27.45 13.75
N TRP A 395 6.04 -26.45 13.51
CA TRP A 395 7.05 -26.00 14.49
C TRP A 395 6.49 -24.93 15.42
N THR A 396 5.20 -24.59 15.29
CA THR A 396 4.49 -23.64 16.18
C THR A 396 3.58 -24.45 17.12
N SER A 397 3.20 -23.86 18.26
CA SER A 397 2.29 -24.49 19.25
C SER A 397 1.23 -23.47 19.65
N ASN A 398 0.91 -22.55 18.74
CA ASN A 398 0.13 -21.34 19.05
C ASN A 398 -1.04 -21.28 18.07
N TRP A 399 -1.51 -20.09 17.76
CA TRP A 399 -2.71 -19.82 16.92
C TRP A 399 -2.31 -19.65 15.45
N SER A 400 -1.03 -19.83 15.08
CA SER A 400 -0.55 -19.72 13.68
C SER A 400 -1.40 -20.65 12.80
N PRO A 401 -1.72 -20.30 11.55
CA PRO A 401 -2.55 -21.18 10.72
C PRO A 401 -1.93 -22.59 10.59
N ALA A 402 -2.77 -23.59 10.32
CA ALA A 402 -2.34 -24.99 10.12
C ALA A 402 -1.47 -25.10 8.88
N GLN A 403 -1.52 -24.12 7.99
CA GLN A 403 -0.89 -24.11 6.64
C GLN A 403 0.53 -23.54 6.75
N ASP A 404 1.51 -24.20 6.16
CA ASP A 404 2.87 -23.63 6.03
C ASP A 404 2.83 -22.36 5.17
N GLY A 405 3.89 -21.55 5.24
CA GLY A 405 4.08 -20.41 4.34
C GLY A 405 3.97 -20.85 2.88
N ARG A 406 3.52 -19.96 2.02
CA ARG A 406 3.56 -20.18 0.57
C ARG A 406 5.01 -20.25 0.09
N THR A 407 5.30 -21.24 -0.73
CA THR A 407 6.61 -21.36 -1.38
C THR A 407 6.61 -20.55 -2.67
N GLY A 408 7.79 -20.39 -3.26
CA GLY A 408 8.00 -19.72 -4.55
C GLY A 408 8.99 -18.60 -4.44
N TYR A 409 9.17 -17.91 -5.54
CA TYR A 409 10.14 -16.80 -5.66
C TYR A 409 9.76 -16.02 -6.88
N TRP A 410 10.15 -14.75 -6.90
CA TRP A 410 10.03 -13.92 -8.11
C TRP A 410 11.17 -14.29 -9.06
N THR A 411 10.84 -14.69 -10.29
CA THR A 411 11.83 -14.81 -11.39
C THR A 411 12.43 -13.43 -11.64
N GLN A 412 13.60 -13.36 -12.28
CA GLN A 412 14.19 -12.06 -12.64
C GLN A 412 13.16 -11.22 -13.41
N SER A 413 12.45 -11.79 -14.37
CA SER A 413 11.47 -11.01 -15.18
C SER A 413 10.35 -10.50 -14.25
N GLU A 414 9.89 -11.29 -13.28
CA GLU A 414 8.81 -10.88 -12.34
C GLU A 414 9.29 -9.75 -11.42
N PHE A 415 10.53 -9.88 -10.95
CA PHE A 415 11.12 -8.87 -10.04
C PHE A 415 11.28 -7.54 -10.77
N ILE A 416 11.72 -7.62 -12.03
CA ILE A 416 11.89 -6.40 -12.87
C ILE A 416 10.51 -5.72 -13.01
N GLU A 417 9.47 -6.53 -13.24
CA GLU A 417 8.08 -6.03 -13.39
C GLU A 417 7.64 -5.39 -12.06
N LEU A 418 7.98 -6.01 -10.93
CA LEU A 418 7.64 -5.51 -9.59
C LEU A 418 8.28 -4.13 -9.41
N VAL A 419 9.55 -4.00 -9.75
CA VAL A 419 10.25 -2.69 -9.62
C VAL A 419 9.55 -1.67 -10.52
N ALA A 420 9.25 -2.04 -11.76
CA ALA A 420 8.70 -1.12 -12.78
C ALA A 420 7.32 -0.64 -12.31
N TYR A 421 6.48 -1.57 -11.84
CA TYR A 421 5.11 -1.27 -11.37
C TYR A 421 5.20 -0.33 -10.15
N ALA A 422 6.06 -0.65 -9.20
CA ALA A 422 6.29 0.23 -8.03
C ALA A 422 6.72 1.60 -8.53
N ALA A 423 7.69 1.68 -9.44
CA ALA A 423 8.23 2.98 -9.92
C ALA A 423 7.07 3.80 -10.52
N ASP A 424 6.24 3.16 -11.33
CA ASP A 424 5.11 3.82 -12.04
C ASP A 424 4.05 4.32 -11.05
N HIS A 425 4.17 3.94 -9.77
CA HIS A 425 3.30 4.39 -8.67
C HIS A 425 4.07 5.22 -7.64
N GLY A 426 5.24 5.74 -7.98
CA GLY A 426 6.03 6.65 -7.12
C GLY A 426 6.77 5.93 -6.00
N ILE A 427 6.94 4.61 -6.07
CA ILE A 427 7.47 3.78 -4.97
C ILE A 427 8.83 3.19 -5.39
N ALA A 428 9.87 3.46 -4.59
CA ALA A 428 11.23 2.89 -4.76
C ALA A 428 11.35 1.57 -3.97
N ILE A 429 12.15 0.63 -4.50
CA ILE A 429 12.42 -0.67 -3.86
C ILE A 429 13.70 -0.54 -3.05
N VAL A 430 13.65 -1.01 -1.81
CA VAL A 430 14.82 -1.14 -0.91
C VAL A 430 14.90 -2.61 -0.55
N PRO A 431 15.92 -3.31 -1.10
CA PRO A 431 16.12 -4.72 -0.79
C PRO A 431 16.83 -4.89 0.55
N GLU A 432 16.43 -5.92 1.28
CA GLU A 432 17.16 -6.44 2.46
C GLU A 432 17.58 -7.89 2.24
N ILE A 433 18.88 -8.14 2.41
CA ILE A 433 19.44 -9.50 2.51
C ILE A 433 20.06 -9.59 3.91
N ASP A 434 19.29 -10.15 4.84
CA ASP A 434 19.57 -10.12 6.30
C ASP A 434 20.74 -11.06 6.61
N GLY A 435 21.69 -10.54 7.36
CA GLY A 435 22.82 -11.28 7.92
C GLY A 435 23.43 -10.50 9.07
N PRO A 436 24.32 -11.10 9.88
CA PRO A 436 24.75 -12.50 9.69
C PRO A 436 23.78 -13.60 10.16
N GLY A 437 22.82 -13.24 11.02
CA GLY A 437 21.75 -14.15 11.47
C GLY A 437 20.57 -14.05 10.53
N HIS A 438 19.48 -14.77 10.84
CA HIS A 438 18.25 -14.84 10.00
C HIS A 438 18.64 -15.23 8.58
N SER A 439 19.64 -16.12 8.44
CA SER A 439 20.40 -16.35 7.17
C SER A 439 20.31 -17.81 6.71
N PHE A 440 19.56 -18.67 7.40
CA PHE A 440 19.49 -20.11 7.04
C PHE A 440 19.18 -20.30 5.55
N SER A 441 18.32 -19.49 4.93
CA SER A 441 17.94 -19.74 3.50
C SER A 441 19.20 -19.68 2.62
N LEU A 442 20.17 -18.86 2.99
CA LEU A 442 21.41 -18.64 2.20
C LEU A 442 22.29 -19.90 2.33
N LEU A 443 22.40 -20.43 3.55
CA LEU A 443 23.16 -21.69 3.82
C LEU A 443 22.48 -22.88 3.15
N HIS A 444 21.14 -22.96 3.27
CA HIS A 444 20.33 -24.04 2.67
C HIS A 444 20.47 -24.00 1.13
N GLY A 445 20.58 -22.80 0.56
CA GLY A 445 20.54 -22.56 -0.88
C GLY A 445 21.88 -22.78 -1.56
N LEU A 446 22.98 -22.35 -0.93
CA LEU A 446 24.32 -22.31 -1.53
C LEU A 446 25.28 -23.17 -0.69
N ALA A 447 25.64 -24.34 -1.23
CA ALA A 447 26.65 -25.21 -0.59
C ALA A 447 27.89 -24.39 -0.24
N GLU A 448 28.27 -23.49 -1.14
CA GLU A 448 29.53 -22.71 -1.09
C GLU A 448 29.61 -21.85 0.18
N LEU A 449 28.47 -21.48 0.79
CA LEU A 449 28.47 -20.63 2.02
C LEU A 449 28.72 -21.48 3.27
N ASN A 450 28.63 -22.81 3.15
CA ASN A 450 28.81 -23.74 4.29
C ASN A 450 30.32 -23.96 4.43
N THR A 451 30.96 -23.12 5.23
CA THR A 451 32.44 -23.01 5.36
C THR A 451 32.72 -22.23 6.65
N GLY A 452 33.99 -22.19 7.08
CA GLY A 452 34.40 -21.37 8.23
C GLY A 452 33.48 -21.59 9.42
N ASN A 453 32.97 -20.51 10.01
CA ASN A 453 32.22 -20.51 11.29
C ASN A 453 30.69 -20.45 11.03
N SER A 454 30.23 -20.71 9.80
CA SER A 454 28.77 -20.87 9.45
C SER A 454 28.12 -21.89 10.39
N ASN A 455 26.82 -21.76 10.64
CA ASN A 455 26.05 -22.64 11.55
C ASN A 455 24.59 -22.60 11.12
N PRO A 456 23.82 -23.72 11.23
CA PRO A 456 24.37 -25.03 11.58
C PRO A 456 25.11 -25.64 10.38
N LYS A 457 25.87 -26.71 10.60
CA LYS A 457 26.70 -27.36 9.55
C LYS A 457 25.84 -28.39 8.81
N PRO A 458 26.16 -28.70 7.53
CA PRO A 458 25.53 -29.83 6.89
C PRO A 458 25.87 -31.11 7.69
N ALA A 459 24.93 -32.06 7.69
CA ALA A 459 25.14 -33.45 8.11
C ALA A 459 26.29 -34.04 7.29
N ALA A 460 27.08 -34.95 7.87
CA ALA A 460 28.14 -35.72 7.20
C ALA A 460 27.64 -36.17 5.81
N GLY A 461 28.33 -35.76 4.75
CA GLY A 461 28.10 -36.25 3.36
C GLY A 461 27.20 -35.31 2.57
N GLU A 462 26.61 -34.32 3.23
CA GLU A 462 25.65 -33.34 2.63
C GLU A 462 26.37 -32.01 2.47
N ASP A 463 26.03 -31.23 1.45
CA ASP A 463 26.71 -29.95 1.10
C ASP A 463 25.93 -28.77 1.67
N THR A 464 24.66 -28.99 2.04
CA THR A 464 23.77 -27.93 2.59
C THR A 464 23.09 -28.47 3.83
N PRO A 465 22.87 -27.61 4.85
CA PRO A 465 22.17 -28.03 6.05
C PRO A 465 20.68 -28.26 5.79
N ALA A 466 20.09 -29.24 6.47
CA ALA A 466 18.68 -29.65 6.28
C ALA A 466 17.74 -28.60 6.90
N PHE A 467 16.61 -28.33 6.24
CA PHE A 467 15.55 -27.43 6.75
C PHE A 467 14.69 -28.21 7.76
N ILE A 468 15.17 -28.27 9.00
CA ILE A 468 14.56 -29.04 10.12
C ILE A 468 14.44 -28.12 11.33
N GLN A 469 13.60 -28.53 12.28
CA GLN A 469 13.20 -27.67 13.41
C GLN A 469 14.43 -27.30 14.23
N SER A 470 15.43 -28.18 14.34
CA SER A 470 16.65 -27.91 15.16
C SER A 470 17.39 -26.68 14.61
N ALA A 471 17.26 -26.32 13.32
CA ALA A 471 17.98 -25.18 12.70
C ALA A 471 17.36 -23.84 13.13
N GLN A 472 16.09 -23.86 13.55
CA GLN A 472 15.30 -22.66 13.90
C GLN A 472 16.03 -21.88 15.01
N GLY A 473 16.38 -20.62 14.75
CA GLY A 473 17.07 -19.72 15.70
C GLY A 473 18.58 -19.91 15.73
N ARG A 474 19.18 -20.73 14.84
CA ARG A 474 20.60 -21.19 15.03
C ARG A 474 21.47 -20.83 13.83
N SER A 475 21.02 -19.90 12.98
CA SER A 475 21.71 -19.55 11.72
C SER A 475 22.83 -18.54 12.01
N SER A 476 23.97 -18.75 11.37
CA SER A 476 25.05 -17.76 11.13
C SER A 476 25.69 -18.00 9.77
N LEU A 477 25.87 -16.94 9.01
CA LEU A 477 26.79 -16.96 7.86
C LEU A 477 28.22 -17.11 8.38
N ALA A 478 29.12 -17.54 7.51
CA ALA A 478 30.57 -17.61 7.82
C ALA A 478 31.14 -16.18 7.78
N THR A 479 31.25 -15.53 8.94
CA THR A 479 31.74 -14.14 9.08
C THR A 479 33.24 -14.08 8.77
N ASP A 480 33.92 -15.22 8.89
CA ASP A 480 35.40 -15.37 8.71
C ASP A 480 35.75 -15.86 7.28
N ALA A 481 34.82 -15.87 6.32
CA ALA A 481 35.10 -16.53 5.02
C ALA A 481 34.85 -15.56 3.85
N ASP A 482 35.84 -15.45 2.97
CA ASP A 482 35.79 -14.55 1.79
C ASP A 482 34.53 -14.84 0.98
N ILE A 483 34.13 -16.11 0.84
CA ILE A 483 33.03 -16.51 -0.09
C ILE A 483 31.74 -15.80 0.36
N THR A 484 31.57 -15.58 1.68
CA THR A 484 30.36 -14.91 2.22
C THR A 484 30.18 -13.54 1.54
N TYR A 485 31.25 -12.75 1.40
CA TYR A 485 31.24 -11.35 0.91
C TYR A 485 31.22 -11.38 -0.62
N THR A 486 31.84 -12.39 -1.25
CA THR A 486 31.75 -12.61 -2.71
C THR A 486 30.26 -12.75 -3.05
N VAL A 487 29.57 -13.63 -2.32
CA VAL A 487 28.15 -14.01 -2.55
C VAL A 487 27.29 -12.76 -2.32
N LEU A 488 27.48 -12.07 -1.20
CA LEU A 488 26.67 -10.87 -0.92
C LEU A 488 26.87 -9.85 -2.05
N GLY A 489 28.11 -9.65 -2.50
CA GLY A 489 28.45 -8.69 -3.56
C GLY A 489 27.71 -9.02 -4.83
N HIS A 490 27.70 -10.30 -5.19
CA HIS A 490 27.00 -10.75 -6.41
C HIS A 490 25.48 -10.51 -6.27
N ILE A 491 24.92 -10.86 -5.12
CA ILE A 491 23.46 -10.67 -4.88
C ILE A 491 23.15 -9.18 -4.99
N MET A 492 24.01 -8.33 -4.43
CA MET A 492 23.84 -6.86 -4.51
C MET A 492 23.87 -6.42 -5.98
N ASP A 493 24.83 -6.92 -6.77
CA ASP A 493 24.95 -6.52 -8.20
C ASP A 493 23.71 -6.98 -8.99
N GLN A 494 23.23 -8.18 -8.73
CA GLN A 494 22.03 -8.74 -9.41
C GLN A 494 20.79 -7.89 -9.07
N LEU A 495 20.54 -7.60 -7.81
CA LEU A 495 19.40 -6.75 -7.39
C LEU A 495 19.55 -5.39 -8.06
N ASP A 496 20.75 -4.83 -8.08
CA ASP A 496 20.99 -3.51 -8.73
C ASP A 496 20.65 -3.58 -10.23
N GLY A 497 21.11 -4.62 -10.94
CA GLY A 497 20.80 -4.81 -12.37
C GLY A 497 19.30 -4.86 -12.62
N MET A 498 18.57 -5.61 -11.80
CA MET A 498 17.12 -5.83 -11.97
C MET A 498 16.39 -4.54 -11.59
N ILE A 499 16.87 -3.83 -10.56
CA ILE A 499 16.24 -2.54 -10.18
C ILE A 499 16.42 -1.56 -11.35
N ASP A 500 17.62 -1.47 -11.94
CA ASP A 500 17.89 -0.56 -13.08
C ASP A 500 16.95 -0.91 -14.25
N LYS A 501 16.78 -2.19 -14.55
CA LYS A 501 15.92 -2.66 -15.67
C LYS A 501 14.47 -2.26 -15.38
N GLY A 502 13.99 -2.46 -14.16
CA GLY A 502 12.62 -2.10 -13.75
C GLY A 502 12.39 -0.62 -13.88
N ILE A 503 13.31 0.21 -13.39
CA ILE A 503 13.18 1.69 -13.52
C ILE A 503 13.17 2.05 -15.01
N LYS A 504 14.03 1.44 -15.82
CA LYS A 504 14.05 1.71 -17.29
C LYS A 504 12.67 1.39 -17.88
N ALA A 505 12.05 0.28 -17.47
CA ALA A 505 10.72 -0.16 -17.99
C ALA A 505 9.65 0.87 -17.57
N SER A 506 9.78 1.46 -16.38
CA SER A 506 8.82 2.49 -15.91
C SER A 506 9.07 3.72 -16.78
N THR A 507 8.32 4.78 -16.74
CA THR A 507 8.88 5.95 -17.48
C THR A 507 9.40 6.99 -16.46
N MET A 508 9.75 6.53 -15.27
CA MET A 508 10.14 7.41 -14.15
C MET A 508 11.64 7.63 -14.16
N PRO A 509 12.12 8.80 -13.66
CA PRO A 509 13.55 9.11 -13.64
C PRO A 509 14.28 8.27 -12.60
N ALA A 510 15.43 7.69 -12.99
CA ALA A 510 16.33 6.95 -12.07
C ALA A 510 16.78 7.90 -10.93
N SER A 511 16.97 9.19 -11.21
CA SER A 511 17.36 10.20 -10.19
C SER A 511 16.40 10.17 -9.00
N GLU A 512 15.11 9.90 -9.22
CA GLU A 512 14.08 9.83 -8.15
C GLU A 512 13.88 8.39 -7.65
N LEU A 513 13.87 7.39 -8.53
CA LEU A 513 13.33 6.06 -8.15
C LEU A 513 14.43 5.05 -7.79
N LYS A 514 15.69 5.32 -8.13
CA LYS A 514 16.83 4.42 -7.74
C LYS A 514 17.29 4.83 -6.34
N ARG A 515 16.79 4.11 -5.33
CA ARG A 515 17.04 4.43 -3.90
C ARG A 515 18.42 3.88 -3.58
N MET A 516 19.39 4.75 -3.32
CA MET A 516 20.83 4.36 -3.17
C MET A 516 21.09 3.94 -1.72
N TYR A 517 20.34 2.93 -1.28
CA TYR A 517 20.34 2.32 0.06
C TYR A 517 20.30 0.79 -0.09
N PHE A 518 21.02 0.09 0.79
CA PHE A 518 20.95 -1.38 0.90
C PHE A 518 20.80 -1.70 2.38
N HIS A 519 19.82 -2.53 2.69
CA HIS A 519 19.54 -3.05 4.05
C HIS A 519 20.29 -4.36 4.31
N LEU A 520 21.27 -4.32 5.20
CA LEU A 520 22.08 -5.52 5.56
C LEU A 520 21.41 -6.29 6.70
N GLY A 521 20.37 -5.70 7.30
CA GLY A 521 19.69 -6.26 8.48
C GLY A 521 20.55 -6.17 9.73
N GLY A 522 21.58 -7.01 9.84
CA GLY A 522 22.48 -6.99 11.01
C GLY A 522 21.91 -7.73 12.20
N ASP A 523 21.01 -8.68 11.97
CA ASP A 523 20.47 -9.56 13.04
C ASP A 523 21.59 -10.46 13.57
N GLU A 524 21.58 -10.65 14.89
CA GLU A 524 22.66 -11.38 15.61
C GLU A 524 22.68 -12.84 15.13
N LEU A 525 23.90 -13.34 14.96
CA LEU A 525 24.18 -14.76 14.60
C LEU A 525 24.05 -15.61 15.85
N PHE A 526 23.70 -16.89 15.66
CA PHE A 526 23.81 -17.94 16.69
C PHE A 526 25.28 -18.37 16.73
N LEU A 527 25.87 -18.33 17.93
CA LEU A 527 27.28 -18.76 18.18
C LEU A 527 27.25 -20.22 18.64
N SER A 528 27.92 -21.12 17.89
CA SER A 528 28.18 -22.53 18.28
C SER A 528 29.68 -22.79 18.42
N GLY A 529 30.45 -22.71 17.33
CA GLY A 529 31.92 -22.91 17.34
C GLY A 529 32.63 -21.77 18.05
N GLY A 530 33.94 -21.90 18.28
CA GLY A 530 34.68 -21.04 19.24
C GLY A 530 35.10 -19.68 18.70
N ALA A 531 36.14 -19.63 17.85
CA ALA A 531 36.92 -18.41 17.48
C ALA A 531 36.03 -17.16 17.34
N GLY A 532 36.19 -16.18 18.24
CA GLY A 532 35.44 -14.90 18.20
C GLY A 532 34.12 -15.00 18.93
N ASN A 533 33.77 -14.00 19.75
CA ASN A 533 32.41 -13.89 20.35
C ASN A 533 31.42 -13.34 19.29
N LYS A 534 30.11 -13.33 19.62
CA LYS A 534 29.02 -12.86 18.72
C LYS A 534 29.32 -11.48 18.13
N THR A 535 29.77 -10.57 19.00
CA THR A 535 30.06 -9.14 18.69
C THR A 535 31.25 -9.03 17.73
N GLU A 536 32.36 -9.73 17.98
CA GLU A 536 33.56 -9.65 17.11
C GLU A 536 33.16 -10.11 15.71
N ARG A 537 32.43 -11.22 15.62
CA ARG A 537 31.99 -11.82 14.33
C ARG A 537 31.02 -10.85 13.64
N LEU A 538 30.09 -10.28 14.39
CA LEU A 538 29.12 -9.29 13.86
C LEU A 538 29.88 -8.05 13.34
N GLN A 539 30.87 -7.59 14.09
CA GLN A 539 31.66 -6.40 13.70
C GLN A 539 32.45 -6.69 12.43
N GLU A 540 33.01 -7.89 12.31
CA GLU A 540 33.73 -8.27 11.07
C GLU A 540 32.71 -8.26 9.91
N TYR A 541 31.55 -8.90 10.10
CA TYR A 541 30.53 -9.09 9.03
C TYR A 541 30.03 -7.73 8.54
N LEU A 542 29.60 -6.85 9.45
CA LEU A 542 28.99 -5.57 9.03
C LEU A 542 30.08 -4.59 8.59
N GLY A 543 31.32 -4.75 9.08
CA GLY A 543 32.48 -4.03 8.52
C GLY A 543 32.65 -4.32 7.04
N ARG A 544 32.79 -5.60 6.69
CA ARG A 544 33.07 -6.02 5.30
C ARG A 544 31.82 -5.80 4.43
N SER A 545 30.64 -6.20 4.91
CA SER A 545 29.39 -6.12 4.12
C SER A 545 29.02 -4.64 3.96
N GLY A 546 29.22 -3.82 5.00
CA GLY A 546 29.13 -2.34 4.90
C GLY A 546 29.99 -1.80 3.77
N ALA A 547 31.24 -2.26 3.64
CA ALA A 547 32.20 -1.79 2.62
C ALA A 547 31.68 -2.18 1.22
N LEU A 548 31.00 -3.33 1.11
CA LEU A 548 30.34 -3.77 -0.16
C LEU A 548 29.29 -2.73 -0.59
N VAL A 549 28.48 -2.24 0.35
CA VAL A 549 27.37 -1.31 0.04
C VAL A 549 27.98 0.04 -0.35
N LYS A 550 28.98 0.50 0.41
CA LYS A 550 29.66 1.80 0.16
C LYS A 550 30.36 1.78 -1.20
N GLU A 551 31.08 0.70 -1.56
CA GLU A 551 31.77 0.67 -2.88
C GLU A 551 30.74 0.66 -4.01
N ARG A 552 29.48 0.30 -3.73
CA ARG A 552 28.37 0.36 -4.70
C ARG A 552 27.61 1.69 -4.57
N ASP A 553 28.19 2.70 -3.92
CA ASP A 553 27.70 4.10 -3.90
C ASP A 553 26.37 4.16 -3.13
N LYS A 554 26.17 3.27 -2.16
CA LYS A 554 24.90 3.20 -1.40
C LYS A 554 25.17 3.38 0.09
N THR A 555 24.09 3.70 0.80
CA THR A 555 24.02 3.88 2.26
C THR A 555 23.50 2.59 2.88
N THR A 556 24.22 2.12 3.88
CA THR A 556 23.91 0.91 4.66
C THR A 556 22.79 1.23 5.62
N ILE A 557 21.78 0.36 5.67
CA ILE A 557 20.79 0.31 6.78
C ILE A 557 21.00 -0.96 7.58
N VAL A 558 20.84 -0.87 8.90
CA VAL A 558 20.76 -2.05 9.81
C VAL A 558 19.64 -1.83 10.83
N TRP A 559 19.08 -2.95 11.29
CA TRP A 559 18.19 -2.99 12.47
C TRP A 559 18.99 -2.61 13.72
N ASN A 560 18.31 -2.40 14.84
CA ASN A 560 18.94 -2.10 16.15
C ASN A 560 20.13 -3.01 16.41
N ASP A 561 20.00 -4.32 16.23
CA ASP A 561 21.07 -5.30 16.61
C ASP A 561 22.38 -4.94 15.90
N GLY A 562 22.27 -4.37 14.72
CA GLY A 562 23.44 -3.97 13.91
C GLY A 562 24.29 -2.90 14.59
N LEU A 563 23.76 -2.16 15.55
CA LEU A 563 24.55 -1.05 16.16
C LEU A 563 25.57 -1.56 17.17
N ASP A 564 25.66 -2.88 17.41
CA ASP A 564 26.86 -3.44 18.08
C ASP A 564 28.07 -3.19 17.16
N ALA A 565 27.84 -2.97 15.86
CA ALA A 565 28.90 -2.68 14.86
C ALA A 565 28.85 -1.21 14.41
N VAL A 566 28.41 -0.32 15.28
CA VAL A 566 28.20 1.12 14.93
C VAL A 566 29.52 1.73 14.42
N ASP A 567 30.68 1.39 15.00
CA ASP A 567 31.98 1.96 14.57
C ASP A 567 32.46 1.32 13.27
N GLN A 568 32.01 0.09 12.93
CA GLN A 568 32.55 -0.69 11.78
C GLN A 568 31.74 -0.41 10.50
N ILE A 569 30.44 -0.12 10.60
CA ILE A 569 29.65 0.28 9.39
C ILE A 569 30.10 1.65 8.93
N PRO A 570 29.87 2.04 7.64
CA PRO A 570 30.33 3.34 7.17
C PRO A 570 29.71 4.53 7.91
N GLU A 571 30.49 5.61 8.04
CA GLU A 571 29.97 6.98 8.32
C GLU A 571 28.70 7.19 7.50
N GLY A 572 27.67 7.79 8.07
CA GLY A 572 26.44 8.14 7.32
C GLY A 572 25.45 6.99 7.23
N SER A 573 25.71 5.86 7.89
CA SER A 573 24.82 4.68 7.86
C SER A 573 23.52 4.99 8.62
N VAL A 574 22.53 4.12 8.44
CA VAL A 574 21.15 4.32 8.94
C VAL A 574 20.78 3.17 9.85
N VAL A 575 20.13 3.49 10.96
CA VAL A 575 19.48 2.47 11.84
C VAL A 575 17.99 2.50 11.56
N GLN A 576 17.41 1.32 11.35
CA GLN A 576 15.94 1.12 11.36
C GLN A 576 15.58 0.66 12.78
N HIS A 577 15.00 1.58 13.54
CA HIS A 577 14.72 1.41 14.98
C HIS A 577 13.35 0.75 15.12
N TRP A 578 13.29 -0.33 15.92
CA TRP A 578 12.00 -1.04 16.18
C TRP A 578 11.83 -1.40 17.66
N THR A 579 12.87 -1.39 18.49
CA THR A 579 12.77 -1.99 19.83
C THR A 579 13.38 -1.03 20.87
N GLY A 580 12.64 -0.77 21.95
CA GLY A 580 13.08 0.09 23.06
C GLY A 580 12.94 1.56 22.76
N ASN A 581 13.53 2.41 23.60
CA ASN A 581 13.41 3.89 23.48
C ASN A 581 14.64 4.44 22.75
N ALA A 582 14.50 4.82 21.47
CA ALA A 582 15.58 5.39 20.62
C ALA A 582 16.19 6.65 21.26
N ALA A 583 15.38 7.48 21.90
CA ALA A 583 15.86 8.76 22.50
C ALA A 583 16.88 8.45 23.60
N ASN A 584 16.76 7.31 24.28
CA ASN A 584 17.68 6.89 25.39
C ASN A 584 18.71 5.84 24.95
N ASN A 585 18.85 5.56 23.66
CA ASN A 585 19.77 4.51 23.16
C ASN A 585 21.11 5.15 22.79
N ALA A 586 22.15 4.91 23.59
CA ALA A 586 23.51 5.44 23.39
C ALA A 586 24.03 5.11 21.98
N SER A 587 23.83 3.88 21.51
CA SER A 587 24.30 3.41 20.17
C SER A 587 23.66 4.24 19.07
N ILE A 588 22.34 4.47 19.16
CA ILE A 588 21.60 5.28 18.15
C ILE A 588 22.12 6.74 18.20
N GLN A 589 22.20 7.31 19.40
CA GLN A 589 22.60 8.72 19.58
C GLN A 589 24.05 8.88 19.08
N LYS A 590 24.92 7.90 19.34
CA LYS A 590 26.29 7.93 18.76
C LYS A 590 26.20 7.91 17.23
N LEU A 591 25.37 7.02 16.66
CA LEU A 591 25.26 6.97 15.18
C LEU A 591 24.86 8.35 14.66
N LEU A 592 23.79 8.95 15.21
CA LEU A 592 23.23 10.24 14.72
C LEU A 592 24.17 11.42 15.00
N ASN A 593 24.79 11.47 16.19
CA ASN A 593 25.54 12.66 16.67
C ASN A 593 27.03 12.58 16.32
N GLN A 594 27.64 11.39 16.35
CA GLN A 594 29.10 11.24 16.14
C GLN A 594 29.41 10.75 14.72
N ARG A 595 28.53 9.95 14.08
CA ARG A 595 28.90 9.25 12.83
C ARG A 595 28.03 9.73 11.66
N ASN A 596 27.39 10.89 11.79
CA ASN A 596 26.62 11.53 10.68
C ASN A 596 25.51 10.61 10.17
N GLY A 597 24.95 9.74 11.02
CA GLY A 597 23.95 8.76 10.61
C GLY A 597 22.53 9.30 10.59
N LYS A 598 21.59 8.46 10.16
CA LYS A 598 20.16 8.84 10.12
C LYS A 598 19.34 7.67 10.67
N ILE A 599 18.06 7.91 10.95
CA ILE A 599 17.17 6.90 11.56
C ILE A 599 15.89 6.77 10.71
N ILE A 600 15.49 5.52 10.49
CA ILE A 600 14.16 5.12 9.98
C ILE A 600 13.40 4.56 11.19
N MET A 601 12.24 5.13 11.48
CA MET A 601 11.48 4.81 12.72
C MET A 601 10.43 3.74 12.40
N SER A 602 10.59 2.56 12.99
CA SER A 602 9.60 1.46 12.95
C SER A 602 9.41 0.90 14.34
N PRO A 603 9.15 1.73 15.38
CA PRO A 603 8.85 1.22 16.70
C PRO A 603 7.67 0.24 16.59
N ALA A 604 7.85 -0.96 17.13
CA ALA A 604 6.91 -2.09 16.95
C ALA A 604 5.50 -1.64 17.33
N GLY A 605 5.38 -0.95 18.48
CA GLY A 605 4.09 -0.52 19.02
C GLY A 605 3.36 0.52 18.16
N ASN A 606 4.03 1.15 17.21
CA ASN A 606 3.41 2.15 16.31
C ASN A 606 3.38 1.68 14.84
N THR A 607 4.08 0.59 14.46
CA THR A 607 4.33 0.31 13.01
C THR A 607 4.31 -1.18 12.66
N TYR A 608 4.30 -2.12 13.62
CA TYR A 608 4.41 -3.58 13.32
C TYR A 608 2.99 -4.12 13.12
N PHE A 609 2.63 -4.44 11.87
CA PHE A 609 1.26 -4.90 11.52
C PHE A 609 0.84 -6.20 12.21
N PRO A 610 1.73 -7.20 12.49
CA PRO A 610 1.28 -8.39 13.21
C PRO A 610 0.79 -8.12 14.64
N GLN A 611 1.17 -6.98 15.22
CA GLN A 611 0.60 -6.59 16.54
C GLN A 611 -0.90 -6.45 16.33
N ARG A 612 -1.69 -7.18 17.12
CA ARG A 612 -3.14 -7.31 16.81
C ARG A 612 -3.79 -5.92 16.87
N PRO A 613 -4.67 -5.62 15.90
CA PRO A 613 -5.25 -4.29 15.76
C PRO A 613 -6.45 -3.99 16.67
N GLY A 614 -6.92 -5.00 17.41
CA GLY A 614 -8.04 -4.91 18.36
C GLY A 614 -8.02 -6.01 19.39
N THR A 615 -8.65 -5.73 20.54
CA THR A 615 -8.75 -6.68 21.67
C THR A 615 -9.65 -7.88 21.30
N GLU A 616 -10.46 -7.80 20.24
CA GLU A 616 -11.37 -8.88 19.80
C GLU A 616 -10.64 -9.77 18.80
N THR A 617 -9.44 -9.37 18.36
CA THR A 617 -8.67 -10.07 17.29
C THR A 617 -7.65 -11.03 17.92
N THR A 618 -7.19 -11.97 17.11
CA THR A 618 -6.09 -12.91 17.45
C THR A 618 -4.83 -12.44 16.73
N GLY A 619 -3.74 -12.28 17.48
CA GLY A 619 -2.51 -11.71 16.93
C GLY A 619 -1.46 -11.50 18.00
N VAL A 620 -0.38 -10.83 17.63
CA VAL A 620 0.78 -10.62 18.54
C VAL A 620 0.36 -9.54 19.55
N THR A 621 0.69 -9.71 20.83
CA THR A 621 0.13 -8.85 21.92
C THR A 621 1.21 -8.09 22.69
N TRP A 622 2.50 -8.32 22.40
CA TRP A 622 3.57 -7.89 23.35
C TRP A 622 3.75 -6.36 23.32
N ALA A 623 3.55 -5.69 22.19
CA ALA A 623 3.94 -4.26 22.05
C ALA A 623 2.87 -3.33 22.66
N CYS A 624 1.56 -3.62 22.54
CA CYS A 624 0.49 -2.70 23.04
C CYS A 624 -0.69 -3.42 23.71
N GLY A 625 -0.69 -4.75 23.77
CA GLY A 625 -1.92 -5.54 23.99
C GLY A 625 -2.70 -5.64 22.69
N ALA A 626 -3.23 -4.51 22.23
CA ALA A 626 -3.65 -4.29 20.82
C ALA A 626 -3.10 -2.94 20.35
N CYS A 627 -2.35 -2.91 19.24
CA CYS A 627 -1.81 -1.66 18.65
C CYS A 627 -2.85 -1.19 17.63
N THR A 628 -3.68 -0.24 18.02
CA THR A 628 -4.87 0.21 17.24
C THR A 628 -4.45 1.31 16.28
N THR A 629 -5.42 1.88 15.55
CA THR A 629 -5.18 3.07 14.70
C THR A 629 -4.64 4.21 15.60
N SER A 630 -5.04 4.25 16.85
CA SER A 630 -4.56 5.30 17.81
C SER A 630 -3.03 5.15 18.01
N ASN A 631 -2.57 3.93 18.26
CA ASN A 631 -1.12 3.64 18.44
C ASN A 631 -0.36 3.97 17.16
N PHE A 632 -0.93 3.66 15.99
CA PHE A 632 -0.28 3.94 14.69
C PHE A 632 -0.26 5.43 14.39
N TYR A 633 -1.21 6.21 14.90
CA TYR A 633 -1.35 7.66 14.55
C TYR A 633 -0.66 8.56 15.58
N GLN A 634 -0.86 8.29 16.87
CA GLN A 634 -0.51 9.26 17.96
C GLN A 634 0.93 9.02 18.44
N TRP A 635 1.88 9.43 17.63
CA TRP A 635 3.33 9.52 17.99
C TRP A 635 3.99 10.55 17.09
N ASN A 636 5.15 11.00 17.51
CA ASN A 636 6.00 11.96 16.77
C ASN A 636 7.32 11.25 16.53
N PRO A 637 7.63 10.78 15.29
CA PRO A 637 8.86 10.03 15.06
C PRO A 637 10.16 10.76 15.48
N THR A 638 10.20 12.08 15.33
CA THR A 638 11.40 12.89 15.65
C THR A 638 11.62 12.89 17.15
N SER A 639 10.55 13.09 17.91
CA SER A 639 10.53 13.06 19.39
C SER A 639 10.82 11.64 19.91
N SER A 640 10.24 10.60 19.29
CA SER A 640 10.46 9.19 19.69
CA SER A 640 10.47 9.19 19.70
C SER A 640 11.95 8.81 19.53
N ALA A 641 12.63 9.42 18.56
CA ALA A 641 14.06 9.18 18.22
C ALA A 641 14.99 10.07 19.06
N GLY A 642 14.44 11.08 19.73
CA GLY A 642 15.19 12.05 20.55
C GLY A 642 16.24 12.78 19.73
N THR A 643 15.89 13.26 18.54
CA THR A 643 16.82 13.94 17.62
C THR A 643 16.12 15.12 16.96
N THR A 644 16.75 15.66 15.91
CA THR A 644 16.27 16.79 15.08
C THR A 644 15.68 16.23 13.78
N GLU A 645 14.81 17.01 13.12
CA GLU A 645 14.10 16.60 11.87
C GLU A 645 15.11 16.03 10.87
N ASP A 646 16.24 16.72 10.68
CA ASP A 646 17.24 16.43 9.61
C ASP A 646 17.83 15.03 9.75
N LYS A 647 17.78 14.42 10.93
CA LYS A 647 18.36 13.08 11.19
C LYS A 647 17.33 11.97 10.96
N VAL A 648 16.06 12.30 10.75
CA VAL A 648 14.96 11.30 10.66
C VAL A 648 14.61 11.18 9.18
N LEU A 649 14.99 10.08 8.55
CA LEU A 649 14.61 9.85 7.13
C LEU A 649 13.08 9.73 7.05
N GLY A 650 12.49 9.00 7.99
CA GLY A 650 11.03 8.80 8.07
C GLY A 650 10.64 7.56 8.82
N VAL A 651 9.64 6.84 8.29
CA VAL A 651 8.95 5.73 8.99
C VAL A 651 8.75 4.56 8.02
N GLU A 652 8.61 3.38 8.57
CA GLU A 652 8.13 2.18 7.84
C GLU A 652 7.20 1.41 8.76
N ASP A 653 6.07 0.99 8.21
CA ASP A 653 5.30 -0.16 8.73
C ASP A 653 6.05 -1.44 8.36
N ALA A 654 5.79 -2.50 9.11
CA ALA A 654 6.37 -3.84 8.84
C ALA A 654 5.27 -4.88 8.76
N LEU A 655 5.21 -5.55 7.60
CA LEU A 655 4.36 -6.76 7.42
C LEU A 655 5.24 -8.00 7.50
N TRP A 656 5.35 -8.57 8.68
CA TRP A 656 6.04 -9.87 8.92
C TRP A 656 5.04 -11.00 8.65
N SER A 657 5.50 -12.07 8.01
CA SER A 657 4.58 -13.09 7.43
C SER A 657 4.68 -14.45 8.11
N GLU A 658 5.17 -14.55 9.34
CA GLU A 658 5.13 -15.85 10.07
C GLU A 658 3.73 -16.43 9.97
N HIS A 659 2.68 -15.61 10.09
CA HIS A 659 1.30 -16.13 10.24
C HIS A 659 0.44 -15.84 9.02
N LEU A 660 1.01 -15.22 7.98
CA LEU A 660 0.23 -14.70 6.82
C LEU A 660 0.37 -15.62 5.61
N ARG A 661 -0.74 -15.98 5.01
CA ARG A 661 -0.77 -17.00 3.93
C ARG A 661 -1.47 -16.44 2.69
N SER A 662 -1.94 -15.20 2.72
CA SER A 662 -2.80 -14.63 1.66
C SER A 662 -2.76 -13.12 1.72
N LEU A 663 -2.98 -12.49 0.57
CA LEU A 663 -3.11 -11.02 0.48
C LEU A 663 -4.29 -10.57 1.36
N ASN A 664 -5.40 -11.29 1.32
CA ASN A 664 -6.56 -10.97 2.16
C ASN A 664 -6.14 -10.85 3.64
N ASP A 665 -5.38 -11.80 4.17
CA ASP A 665 -5.05 -11.84 5.62
C ASP A 665 -4.01 -10.74 5.91
N ALA A 666 -3.11 -10.42 4.97
CA ALA A 666 -2.17 -9.29 5.10
C ALA A 666 -2.97 -7.97 5.19
N GLU A 667 -3.92 -7.79 4.28
CA GLU A 667 -4.65 -6.51 4.18
C GLU A 667 -5.48 -6.28 5.46
N PHE A 668 -5.99 -7.35 6.06
CA PHE A 668 -6.70 -7.27 7.36
C PHE A 668 -5.81 -6.52 8.35
N LEU A 669 -4.52 -6.85 8.39
CA LEU A 669 -3.59 -6.21 9.36
C LEU A 669 -3.13 -4.85 8.83
N MET A 670 -2.92 -4.70 7.53
CA MET A 670 -2.32 -3.48 6.94
C MET A 670 -3.32 -2.33 7.05
N TYR A 671 -4.61 -2.58 6.87
CA TYR A 671 -5.61 -1.48 6.68
C TYR A 671 -6.65 -1.52 7.80
N THR A 672 -6.96 -0.36 8.42
CA THR A 672 -6.61 0.97 7.93
C THR A 672 -5.40 1.57 8.66
N ARG A 673 -4.69 0.80 9.48
CA ARG A 673 -3.54 1.35 10.25
C ARG A 673 -2.50 1.94 9.28
N MET A 674 -2.24 1.37 8.10
CA MET A 674 -1.27 1.96 7.16
C MET A 674 -1.67 3.41 6.83
N MET A 675 -2.97 3.70 6.74
CA MET A 675 -3.37 5.08 6.38
C MET A 675 -3.05 6.05 7.54
N ALA A 676 -2.93 5.57 8.78
CA ALA A 676 -2.46 6.42 9.92
C ALA A 676 -0.94 6.64 9.75
N THR A 677 -0.17 5.60 9.43
CA THR A 677 1.29 5.74 9.21
C THR A 677 1.53 6.71 8.06
N ALA A 678 0.75 6.62 7.00
CA ALA A 678 0.89 7.51 5.83
C ALA A 678 0.81 8.96 6.32
N GLU A 679 -0.14 9.25 7.19
CA GLU A 679 -0.36 10.61 7.73
C GLU A 679 0.86 11.00 8.60
N VAL A 680 1.36 10.06 9.41
CA VAL A 680 2.56 10.35 10.28
C VAL A 680 3.75 10.67 9.37
N GLY A 681 3.91 9.93 8.27
CA GLY A 681 5.01 10.14 7.30
C GLY A 681 4.95 11.50 6.62
N TRP A 682 3.73 11.97 6.29
CA TRP A 682 3.49 13.12 5.38
C TRP A 682 3.10 14.40 6.17
N THR A 683 2.11 14.30 7.06
CA THR A 683 1.41 15.49 7.63
C THR A 683 2.27 16.16 8.72
N GLN A 684 2.23 17.49 8.77
CA GLN A 684 2.97 18.30 9.80
C GLN A 684 2.51 17.84 11.19
N GLN A 685 3.43 17.72 12.12
CA GLN A 685 3.10 17.38 13.54
C GLN A 685 1.89 18.23 13.95
N ASN A 686 1.97 19.55 13.74
CA ASN A 686 0.96 20.46 14.30
C ASN A 686 -0.32 20.48 13.44
N ARG A 687 -0.41 19.68 12.37
CA ARG A 687 -1.67 19.57 11.56
C ARG A 687 -2.30 18.18 11.77
N LYS A 688 -1.70 17.37 12.63
CA LYS A 688 -2.26 16.04 12.97
C LYS A 688 -3.44 16.23 13.93
N ASP A 689 -4.44 15.36 13.83
CA ASP A 689 -5.67 15.40 14.65
C ASP A 689 -6.26 14.00 14.56
N TYR A 690 -6.00 13.13 15.55
CA TYR A 690 -6.44 11.71 15.49
C TYR A 690 -7.95 11.63 15.25
N ASP A 691 -8.77 12.39 15.96
CA ASP A 691 -10.26 12.29 15.85
C ASP A 691 -10.69 12.63 14.42
N ASN A 692 -10.03 13.60 13.80
CA ASN A 692 -10.32 14.03 12.40
C ASN A 692 -9.90 12.90 11.47
N TRP A 693 -8.74 12.29 11.69
CA TRP A 693 -8.27 11.16 10.84
C TRP A 693 -9.31 10.04 10.93
N ASN A 694 -9.73 9.72 12.15
CA ASN A 694 -10.74 8.68 12.49
C ASN A 694 -12.00 8.96 11.65
N LYS A 695 -12.48 10.20 11.64
CA LYS A 695 -13.68 10.57 10.84
C LYS A 695 -13.46 10.30 9.34
N ARG A 696 -12.22 10.42 8.85
CA ARG A 696 -11.90 10.31 7.41
C ARG A 696 -11.86 8.83 6.98
N VAL A 697 -11.89 7.89 7.93
CA VAL A 697 -11.76 6.43 7.60
C VAL A 697 -13.04 5.97 6.84
N GLY A 698 -14.21 6.54 7.15
CA GLY A 698 -15.45 6.10 6.48
C GLY A 698 -15.28 6.08 4.97
N ASP A 699 -14.78 7.18 4.40
CA ASP A 699 -14.53 7.33 2.94
C ASP A 699 -13.36 6.43 2.53
N ILE A 700 -12.29 6.35 3.33
CA ILE A 700 -11.14 5.45 3.02
C ILE A 700 -11.70 4.04 2.77
N ALA A 701 -12.62 3.59 3.63
CA ALA A 701 -13.22 2.24 3.61
C ALA A 701 -14.08 2.04 2.34
N ILE A 702 -14.81 3.06 1.89
CA ILE A 702 -15.63 2.93 0.66
C ILE A 702 -14.70 2.71 -0.52
N ASP A 703 -13.56 3.41 -0.54
CA ASP A 703 -12.56 3.22 -1.61
C ASP A 703 -11.94 1.81 -1.49
N LEU A 704 -11.61 1.33 -0.30
CA LEU A 704 -11.01 -0.02 -0.16
C LEU A 704 -12.01 -1.07 -0.67
N MET A 705 -13.29 -0.92 -0.36
CA MET A 705 -14.30 -1.92 -0.81
C MET A 705 -14.35 -1.90 -2.35
N ASN A 706 -14.27 -0.71 -2.96
CA ASN A 706 -14.33 -0.61 -4.45
C ASN A 706 -13.10 -1.32 -5.05
N ARG A 707 -11.94 -1.16 -4.40
CA ARG A 707 -10.68 -1.83 -4.81
C ARG A 707 -10.76 -3.35 -4.58
N GLY A 708 -11.65 -3.84 -3.72
CA GLY A 708 -11.69 -5.25 -3.28
C GLY A 708 -10.60 -5.53 -2.25
N ALA A 709 -10.07 -4.50 -1.57
CA ALA A 709 -9.02 -4.66 -0.55
C ALA A 709 -9.71 -4.97 0.78
N ASN A 710 -9.23 -5.97 1.50
CA ASN A 710 -9.71 -6.31 2.85
C ASN A 710 -9.23 -5.22 3.84
N PHE A 711 -9.89 -5.17 4.99
CA PHE A 711 -9.48 -4.28 6.12
C PHE A 711 -10.15 -4.74 7.42
N HIS A 712 -9.45 -4.50 8.55
CA HIS A 712 -9.96 -4.68 9.91
C HIS A 712 -11.01 -3.59 10.16
N LYS A 713 -12.23 -4.00 10.51
CA LYS A 713 -13.32 -3.04 10.87
C LYS A 713 -13.14 -2.67 12.36
N ALA A 714 -12.15 -1.84 12.64
CA ALA A 714 -11.72 -1.51 14.02
C ALA A 714 -12.88 -0.84 14.81
N THR A 715 -13.12 -1.28 16.03
CA THR A 715 -14.19 -0.76 16.92
C THR A 715 -13.94 0.71 17.25
N GLU A 716 -12.68 1.18 17.25
CA GLU A 716 -12.36 2.57 17.72
C GLU A 716 -12.67 3.55 16.59
N VAL A 717 -12.88 3.04 15.37
CA VAL A 717 -13.26 3.88 14.22
C VAL A 717 -14.78 4.06 14.31
N THR A 718 -15.23 5.31 14.30
CA THR A 718 -16.67 5.63 14.54
C THR A 718 -17.30 6.19 13.26
N SER A 719 -16.61 6.17 12.13
CA SER A 719 -17.09 6.80 10.88
C SER A 719 -17.48 5.77 9.81
N TRP A 720 -17.48 4.47 10.13
CA TRP A 720 -17.93 3.42 9.16
C TRP A 720 -19.30 3.83 8.66
N LYS A 721 -19.47 3.81 7.34
CA LYS A 721 -20.76 4.25 6.76
C LYS A 721 -21.19 3.43 5.55
N GLY A 722 -22.49 3.52 5.27
CA GLY A 722 -23.09 3.04 4.02
C GLY A 722 -23.10 4.13 2.99
N SER A 723 -22.67 3.83 1.76
CA SER A 723 -22.61 4.81 0.65
C SER A 723 -23.22 4.17 -0.59
N TYR A 724 -24.13 4.89 -1.26
CA TYR A 724 -24.84 4.42 -2.48
C TYR A 724 -24.32 5.15 -3.71
N ALA A 725 -24.12 4.42 -4.81
CA ALA A 725 -23.73 5.02 -6.10
C ALA A 725 -24.63 4.46 -7.19
N ALA A 726 -25.26 5.34 -7.96
CA ALA A 726 -26.02 4.96 -9.17
C ALA A 726 -25.04 4.44 -10.24
N VAL A 727 -25.39 3.32 -10.85
CA VAL A 727 -24.54 2.64 -11.88
C VAL A 727 -25.08 3.02 -13.26
N ASP A 728 -24.19 3.28 -14.22
CA ASP A 728 -24.60 3.53 -15.64
C ASP A 728 -25.11 2.24 -16.28
N ALA A 729 -26.42 2.01 -16.23
CA ALA A 729 -27.06 0.77 -16.71
C ALA A 729 -26.96 0.61 -18.24
N ALA A 730 -26.54 1.65 -18.96
CA ALA A 730 -26.28 1.60 -20.41
C ALA A 730 -25.15 0.62 -20.69
N GLU A 731 -24.24 0.38 -19.74
CA GLU A 731 -23.07 -0.52 -19.92
C GLU A 731 -23.38 -1.86 -19.26
N GLN A 732 -24.64 -2.09 -18.90
CA GLN A 732 -25.06 -3.26 -18.10
C GLN A 732 -26.06 -4.08 -18.94
N LYS A 733 -25.95 -5.40 -18.88
CA LYS A 733 -26.84 -6.32 -19.63
C LYS A 733 -28.19 -6.40 -18.93
N VAL A 734 -29.28 -6.36 -19.71
CA VAL A 734 -30.63 -6.68 -19.17
C VAL A 734 -30.87 -8.17 -19.34
N THR A 735 -31.12 -8.87 -18.24
CA THR A 735 -31.35 -10.34 -18.27
C THR A 735 -32.72 -10.62 -17.64
N ASP A 736 -33.65 -11.21 -18.39
CA ASP A 736 -34.99 -11.54 -17.82
C ASP A 736 -35.55 -10.25 -17.18
N GLY A 737 -35.30 -9.08 -17.78
CA GLY A 737 -35.86 -7.78 -17.35
C GLY A 737 -35.05 -7.09 -16.24
N LYS A 738 -34.04 -7.76 -15.69
CA LYS A 738 -33.26 -7.34 -14.51
C LYS A 738 -31.98 -6.64 -14.98
N VAL A 739 -31.65 -5.49 -14.41
CA VAL A 739 -30.43 -4.73 -14.80
C VAL A 739 -29.85 -4.05 -13.56
N LEU A 740 -28.51 -4.00 -13.51
CA LEU A 740 -27.75 -3.41 -12.40
C LEU A 740 -27.90 -1.88 -12.49
N VAL A 741 -28.46 -1.26 -11.46
CA VAL A 741 -28.68 0.22 -11.48
C VAL A 741 -28.00 0.93 -10.31
N GLY A 742 -27.48 0.20 -9.31
CA GLY A 742 -26.89 0.80 -8.10
C GLY A 742 -25.88 -0.12 -7.45
N ARG A 743 -25.08 0.46 -6.58
CA ARG A 743 -24.14 -0.25 -5.70
C ARG A 743 -24.22 0.39 -4.32
N TYR A 744 -24.31 -0.45 -3.29
CA TYR A 744 -24.40 -0.01 -1.89
C TYR A 744 -23.23 -0.64 -1.11
N ALA A 745 -22.30 0.21 -0.71
CA ALA A 745 -21.07 -0.16 0.04
C ALA A 745 -21.23 0.18 1.52
N GLU A 746 -21.33 -0.82 2.37
CA GLU A 746 -21.40 -0.65 3.83
C GLU A 746 -20.53 -1.71 4.49
N PRO A 747 -19.38 -1.32 5.08
CA PRO A 747 -18.56 -2.30 5.81
C PRO A 747 -19.29 -3.04 6.94
N GLY A 748 -19.15 -4.36 7.01
CA GLY A 748 -19.62 -5.15 8.17
C GLY A 748 -20.86 -5.98 7.91
N LEU A 749 -21.53 -5.83 6.76
CA LEU A 749 -22.82 -6.54 6.51
C LEU A 749 -22.60 -8.05 6.51
N THR A 750 -23.35 -8.76 7.36
CA THR A 750 -23.33 -10.24 7.41
C THR A 750 -24.41 -10.78 6.45
N GLY A 751 -25.10 -9.89 5.73
CA GLY A 751 -26.17 -10.29 4.82
C GLY A 751 -26.95 -9.07 4.40
N THR A 752 -27.96 -9.23 3.55
CA THR A 752 -28.74 -8.08 3.00
C THR A 752 -30.11 -7.93 3.66
N ASP A 753 -30.51 -8.82 4.57
CA ASP A 753 -31.90 -8.83 5.10
C ASP A 753 -32.18 -7.57 5.94
N GLY A 754 -31.17 -6.84 6.39
CA GLY A 754 -31.34 -5.59 7.16
C GLY A 754 -31.39 -4.37 6.25
N LEU A 755 -31.27 -4.58 4.94
CA LEU A 755 -31.36 -3.50 3.93
C LEU A 755 -32.80 -3.47 3.39
N SER A 756 -33.39 -2.26 3.33
CA SER A 756 -34.72 -2.00 2.69
C SER A 756 -34.48 -1.09 1.48
N PHE A 757 -34.79 -1.62 0.30
CA PHE A 757 -34.66 -0.91 -1.00
C PHE A 757 -36.07 -0.55 -1.45
N THR A 758 -36.21 0.60 -2.09
CA THR A 758 -37.41 0.99 -2.86
C THR A 758 -36.90 1.59 -4.16
N ALA A 759 -37.52 1.17 -5.24
CA ALA A 759 -37.19 1.60 -6.61
C ALA A 759 -38.51 1.97 -7.28
N THR A 760 -38.55 3.19 -7.78
CA THR A 760 -39.71 3.81 -8.45
C THR A 760 -39.25 4.26 -9.83
N TYR A 761 -39.99 3.82 -10.86
CA TYR A 761 -39.79 4.21 -12.26
C TYR A 761 -40.97 5.08 -12.68
N THR A 762 -40.71 6.27 -13.19
CA THR A 762 -41.74 7.18 -13.76
C THR A 762 -41.38 7.46 -15.22
N ALA A 763 -42.15 6.88 -16.13
CA ALA A 763 -41.96 7.12 -17.58
C ALA A 763 -42.51 8.50 -17.93
N GLU A 764 -41.98 9.13 -18.98
CA GLU A 764 -42.63 10.32 -19.59
C GLU A 764 -43.98 9.85 -20.13
N GLY A 765 -45.07 10.41 -19.61
CA GLY A 765 -46.43 9.97 -19.98
C GLY A 765 -47.07 9.14 -18.88
N GLY A 766 -46.28 8.66 -17.91
CA GLY A 766 -46.79 7.70 -16.91
C GLY A 766 -46.75 8.24 -15.50
N THR A 767 -47.12 7.39 -14.55
CA THR A 767 -47.06 7.66 -13.09
C THR A 767 -46.06 6.70 -12.46
N ALA A 768 -45.73 6.92 -11.20
CA ALA A 768 -44.69 6.14 -10.48
C ALA A 768 -45.09 4.65 -10.54
N VAL A 769 -44.16 3.78 -10.89
CA VAL A 769 -44.36 2.30 -10.84
C VAL A 769 -43.27 1.74 -9.93
N ASN A 770 -43.68 0.92 -8.97
CA ASN A 770 -42.74 0.22 -8.06
C ASN A 770 -42.04 -0.87 -8.87
N LEU A 771 -40.72 -0.93 -8.81
CA LEU A 771 -39.93 -2.02 -9.45
C LEU A 771 -39.44 -2.99 -8.38
N PRO A 772 -39.48 -4.30 -8.64
CA PRO A 772 -38.81 -5.27 -7.76
C PRO A 772 -37.30 -5.03 -7.70
N VAL A 773 -36.74 -5.07 -6.50
CA VAL A 773 -35.29 -4.84 -6.29
C VAL A 773 -34.68 -6.18 -5.89
N THR A 774 -33.56 -6.52 -6.51
CA THR A 774 -32.77 -7.73 -6.19
C THR A 774 -31.42 -7.26 -5.71
N PRO A 775 -31.16 -7.28 -4.39
CA PRO A 775 -29.83 -6.95 -3.88
C PRO A 775 -28.98 -8.21 -4.01
N ASP A 776 -27.73 -8.07 -4.39
CA ASP A 776 -26.82 -9.22 -4.57
C ASP A 776 -25.47 -8.86 -3.95
N MET A 777 -25.09 -9.58 -2.89
CA MET A 777 -23.80 -9.36 -2.19
C MET A 777 -23.01 -10.68 -2.26
N LYS A 778 -21.92 -10.71 -3.03
CA LYS A 778 -21.17 -11.95 -3.37
C LYS A 778 -20.68 -12.64 -2.10
N GLN A 779 -20.07 -11.89 -1.18
CA GLN A 779 -19.45 -12.40 0.06
C GLN A 779 -19.95 -11.57 1.25
N THR A 780 -20.13 -12.20 2.40
CA THR A 780 -20.56 -11.56 3.67
C THR A 780 -19.31 -11.22 4.48
N TYR A 781 -19.50 -10.37 5.47
CA TYR A 781 -18.46 -9.97 6.44
C TYR A 781 -18.26 -11.08 7.47
N SER A 782 -17.00 -11.38 7.76
CA SER A 782 -16.63 -12.26 8.87
C SER A 782 -15.43 -11.64 9.59
N GLN A 783 -15.41 -11.78 10.91
CA GLN A 783 -14.22 -11.53 11.72
C GLN A 783 -13.32 -12.77 11.62
N GLN A 784 -12.17 -12.74 12.27
CA GLN A 784 -11.24 -13.91 12.27
C GLN A 784 -12.02 -15.16 12.73
N GLN A 785 -11.65 -16.31 12.14
CA GLN A 785 -12.24 -17.64 12.43
C GLN A 785 -11.07 -18.51 12.95
N LEU A 786 -11.31 -19.26 14.02
CA LEU A 786 -10.35 -20.26 14.56
C LEU A 786 -10.93 -21.66 14.41
N LYS A 787 -10.05 -22.60 14.09
CA LYS A 787 -10.37 -24.05 14.13
C LYS A 787 -9.19 -24.74 14.79
N ASN A 788 -9.44 -25.51 15.87
CA ASN A 788 -8.43 -26.25 16.65
C ASN A 788 -7.42 -25.25 17.21
N GLY A 789 -7.88 -24.07 17.62
CA GLY A 789 -7.08 -23.02 18.29
C GLY A 789 -6.17 -22.28 17.32
N ARG A 790 -6.38 -22.43 16.00
CA ARG A 790 -5.51 -21.85 14.94
C ARG A 790 -6.35 -20.99 13.98
N LEU A 791 -5.82 -19.84 13.58
CA LEU A 791 -6.46 -18.95 12.60
C LEU A 791 -6.68 -19.72 11.28
N VAL A 792 -7.91 -19.65 10.78
CA VAL A 792 -8.30 -20.10 9.41
C VAL A 792 -7.81 -19.06 8.42
N VAL A 793 -7.09 -19.50 7.38
CA VAL A 793 -6.66 -18.57 6.29
C VAL A 793 -7.94 -18.01 5.63
N ASN A 794 -8.03 -16.68 5.56
CA ASN A 794 -9.09 -15.89 4.86
C ASN A 794 -10.39 -15.89 5.70
N GLY A 795 -10.31 -16.26 6.98
CA GLY A 795 -11.45 -16.29 7.90
C GLY A 795 -12.05 -14.90 8.00
N ALA A 796 -11.22 -13.88 8.16
CA ALA A 796 -11.63 -12.47 8.26
C ALA A 796 -11.65 -11.89 6.86
N HIS A 797 -12.81 -11.46 6.41
CA HIS A 797 -12.96 -10.93 5.04
C HIS A 797 -14.12 -9.95 5.06
N MET A 798 -13.98 -8.91 4.26
CA MET A 798 -15.00 -7.83 4.14
C MET A 798 -16.15 -8.34 3.27
N ASN A 799 -17.38 -7.92 3.59
CA ASN A 799 -18.54 -8.10 2.68
C ASN A 799 -18.23 -7.38 1.36
N SER A 800 -18.86 -7.85 0.27
CA SER A 800 -18.83 -7.16 -1.02
C SER A 800 -19.64 -5.86 -0.94
N ILE A 801 -19.41 -5.00 -1.91
CA ILE A 801 -20.39 -3.96 -2.34
C ILE A 801 -21.64 -4.71 -2.81
N VAL A 802 -22.81 -4.27 -2.38
CA VAL A 802 -24.11 -4.84 -2.82
C VAL A 802 -24.43 -4.33 -4.23
N ASP A 803 -24.66 -5.26 -5.15
CA ASP A 803 -25.19 -4.94 -6.50
C ASP A 803 -26.70 -4.78 -6.34
N VAL A 804 -27.23 -3.65 -6.82
CA VAL A 804 -28.67 -3.33 -6.70
C VAL A 804 -29.29 -3.38 -8.09
N TYR A 805 -30.04 -4.46 -8.33
CA TYR A 805 -30.75 -4.71 -9.59
C TYR A 805 -32.20 -4.27 -9.43
N VAL A 806 -32.78 -3.78 -10.52
CA VAL A 806 -34.26 -3.63 -10.61
C VAL A 806 -34.73 -4.48 -11.79
N THR A 807 -35.97 -4.94 -11.71
CA THR A 807 -36.66 -5.59 -12.85
C THR A 807 -37.54 -4.55 -13.53
N LEU A 808 -37.19 -4.22 -14.78
CA LEU A 808 -37.95 -3.22 -15.59
C LEU A 808 -39.22 -3.90 -16.06
N PRO A 809 -40.34 -3.15 -16.18
CA PRO A 809 -41.61 -3.74 -16.59
C PRO A 809 -41.48 -4.25 -18.03
N SER A 810 -42.11 -5.41 -18.28
CA SER A 810 -42.18 -6.15 -19.56
C SER A 810 -42.59 -5.19 -20.68
N ASP A 811 -43.57 -4.37 -20.35
CA ASP A 811 -44.09 -3.21 -21.12
C ASP A 811 -43.01 -2.35 -21.75
N VAL A 812 -42.17 -1.78 -20.89
CA VAL A 812 -41.13 -0.77 -21.23
C VAL A 812 -40.06 -1.46 -22.07
N LEU A 813 -39.76 -2.73 -21.74
CA LEU A 813 -38.72 -3.52 -22.44
C LEU A 813 -39.21 -3.97 -23.83
N ALA A 814 -40.52 -4.01 -24.07
CA ALA A 814 -41.11 -4.44 -25.36
C ALA A 814 -41.43 -3.22 -26.23
N ALA A 815 -41.09 -2.00 -25.81
CA ALA A 815 -41.26 -0.74 -26.61
C ALA A 815 -40.13 -0.60 -27.65
N ASP A 816 -40.49 -0.72 -28.93
CA ASP A 816 -39.55 -0.57 -30.09
C ASP A 816 -39.33 0.93 -30.38
N SER A 817 -40.05 1.81 -29.67
CA SER A 817 -39.79 3.27 -29.58
C SER A 817 -39.08 3.61 -28.25
N GLU A 818 -38.11 4.53 -28.30
CA GLU A 818 -37.30 4.91 -27.10
C GLU A 818 -38.24 5.43 -26.02
N ALA A 819 -38.09 4.95 -24.79
CA ALA A 819 -38.84 5.44 -23.60
C ALA A 819 -37.82 6.08 -22.66
N VAL A 820 -38.11 7.29 -22.21
CA VAL A 820 -37.25 7.99 -21.21
C VAL A 820 -38.02 8.02 -19.90
N GLY A 821 -37.33 7.80 -18.79
CA GLY A 821 -37.96 7.76 -17.46
C GLY A 821 -36.98 8.14 -16.37
N ARG A 822 -37.52 8.31 -15.18
CA ARG A 822 -36.73 8.63 -13.97
C ARG A 822 -36.78 7.38 -13.11
N LEU A 823 -35.62 6.93 -12.66
CA LEU A 823 -35.51 5.82 -11.70
C LEU A 823 -35.02 6.40 -10.37
N ASP A 824 -35.86 6.30 -9.35
CA ASP A 824 -35.53 6.71 -7.96
C ASP A 824 -35.31 5.45 -7.12
N VAL A 825 -34.15 5.36 -6.48
CA VAL A 825 -33.84 4.25 -5.55
C VAL A 825 -33.47 4.83 -4.19
N SER A 826 -34.07 4.28 -3.14
CA SER A 826 -33.73 4.56 -1.73
C SER A 826 -33.23 3.28 -1.08
N VAL A 827 -32.28 3.41 -0.17
CA VAL A 827 -31.88 2.30 0.71
C VAL A 827 -31.84 2.82 2.15
N SER A 828 -32.44 2.04 3.04
CA SER A 828 -32.38 2.17 4.51
C SER A 828 -31.61 0.94 5.04
N SER A 829 -30.70 1.11 6.00
CA SER A 829 -29.97 -0.05 6.60
C SER A 829 -30.24 -0.12 8.11
N SER A 830 -30.43 -1.31 8.65
CA SER A 830 -30.61 -1.58 10.09
C SER A 830 -29.28 -1.33 10.85
N THR A 831 -28.17 -1.20 10.14
CA THR A 831 -26.81 -1.14 10.73
C THR A 831 -26.13 0.21 10.41
N TYR A 832 -26.75 1.07 9.61
CA TYR A 832 -26.26 2.46 9.36
C TYR A 832 -27.45 3.39 9.32
N PRO A 833 -27.56 4.39 10.23
CA PRO A 833 -28.81 5.11 10.43
C PRO A 833 -29.11 6.26 9.48
N ILE A 834 -28.29 6.50 8.45
CA ILE A 834 -28.52 7.56 7.43
C ILE A 834 -28.82 6.96 6.07
N PRO A 835 -30.11 6.91 5.67
CA PRO A 835 -30.49 6.36 4.38
C PRO A 835 -29.96 7.20 3.21
N SER A 836 -29.86 6.54 2.05
CA SER A 836 -29.41 7.12 0.77
C SER A 836 -30.62 7.17 -0.19
N ASP A 837 -30.69 8.23 -0.97
CA ASP A 837 -31.76 8.45 -1.98
C ASP A 837 -31.03 8.78 -3.28
N SER A 838 -31.36 8.08 -4.36
CA SER A 838 -30.67 8.26 -5.65
C SER A 838 -31.73 8.52 -6.70
N SER A 839 -31.46 9.41 -7.63
CA SER A 839 -32.35 9.71 -8.76
C SER A 839 -31.50 9.73 -10.03
N MET A 840 -31.94 8.97 -11.02
CA MET A 840 -31.24 8.76 -12.29
C MET A 840 -32.31 8.78 -13.41
N SER A 841 -32.05 9.47 -14.52
CA SER A 841 -32.84 9.37 -15.77
C SER A 841 -32.26 8.21 -16.60
N ILE A 842 -33.12 7.40 -17.23
CA ILE A 842 -32.68 6.25 -18.08
C ILE A 842 -33.48 6.29 -19.38
N ALA A 843 -32.80 6.06 -20.50
CA ALA A 843 -33.42 5.91 -21.83
C ALA A 843 -33.40 4.42 -22.19
N ILE A 844 -34.53 3.89 -22.67
CA ILE A 844 -34.70 2.44 -22.95
C ILE A 844 -35.18 2.26 -24.40
N LYS A 845 -34.55 1.37 -25.16
CA LYS A 845 -34.97 1.07 -26.55
C LYS A 845 -34.62 -0.39 -26.85
N ASP A 846 -35.55 -1.11 -27.45
CA ASP A 846 -35.33 -2.49 -27.92
C ASP A 846 -34.87 -3.34 -26.74
N GLY A 847 -35.44 -3.12 -25.55
CA GLY A 847 -35.19 -3.95 -24.35
C GLY A 847 -33.83 -3.69 -23.70
N LYS A 848 -33.09 -2.65 -24.11
CA LYS A 848 -31.77 -2.30 -23.55
C LYS A 848 -31.84 -0.89 -22.94
N VAL A 849 -31.10 -0.64 -21.87
CA VAL A 849 -30.82 0.75 -21.39
C VAL A 849 -29.75 1.32 -22.33
N THR A 850 -30.05 2.44 -23.03
CA THR A 850 -29.16 3.06 -24.03
C THR A 850 -28.36 4.19 -23.40
N GLN A 851 -28.84 4.74 -22.30
CA GLN A 851 -28.23 5.98 -21.74
C GLN A 851 -28.77 6.19 -20.34
N THR A 852 -27.93 6.73 -19.48
CA THR A 852 -28.32 7.17 -18.12
C THR A 852 -27.72 8.55 -17.88
N TRP A 853 -28.38 9.34 -17.04
CA TRP A 853 -27.81 10.63 -16.60
C TRP A 853 -28.44 11.01 -15.27
N THR A 854 -27.71 11.79 -14.45
CA THR A 854 -28.15 12.17 -13.09
C THR A 854 -28.35 13.68 -13.00
N GLY A 855 -28.05 14.42 -14.09
CA GLY A 855 -28.26 15.88 -14.15
C GLY A 855 -29.66 16.25 -14.60
N ASP A 856 -29.98 17.55 -14.58
CA ASP A 856 -31.30 18.10 -14.94
C ASP A 856 -31.57 17.90 -16.44
N GLU A 857 -30.54 17.88 -17.28
CA GLU A 857 -30.72 17.77 -18.74
C GLU A 857 -30.00 16.54 -19.27
N ARG A 858 -30.59 15.94 -20.30
CA ARG A 858 -30.02 14.78 -21.02
C ARG A 858 -28.76 15.22 -21.76
N PRO A 859 -27.59 14.57 -21.54
CA PRO A 859 -26.42 14.83 -22.39
C PRO A 859 -26.74 14.32 -23.80
N THR A 860 -26.20 14.96 -24.85
CA THR A 860 -26.66 14.80 -26.26
C THR A 860 -26.50 13.33 -26.68
C1 GOL B . 9.50 -9.78 14.03
O1 GOL B . 10.24 -9.36 15.18
C2 GOL B . 10.22 -10.85 13.26
O2 GOL B . 9.42 -11.19 12.13
C3 GOL B . 11.62 -10.44 12.83
O3 GOL B . 12.15 -11.25 11.76
NA NA C . -10.83 8.40 -5.21
NA NA D . -24.38 8.89 -19.15
CL CL E . 3.67 26.67 12.24
NI NI F . 5.37 -8.26 15.44
#